data_7NWE
#
_entry.id   7NWE
#
_cell.length_a   66.490
_cell.length_b   103.461
_cell.length_c   107.749
_cell.angle_alpha   90.000
_cell.angle_beta   90.000
_cell.angle_gamma   90.000
#
_symmetry.space_group_name_H-M   'P 21 21 21'
#
loop_
_entity.id
_entity.type
_entity.pdbx_description
1 polymer 'Branched-chain-amino-acid aminotransferase, cytosolic'
2 non-polymer 4-[2,4-bis(oxidanylidene)-6-(trifluoromethyl)-1H-pyrimidin-3-yl]-5-methyl-2-(2-methylphenoxy)benzenecarbonitrile
3 non-polymer "PYRIDOXAL-5'-PHOSPHATE"
4 non-polymer 'MAGNESIUM ION'
5 water water
#
_entity_poly.entity_id   1
_entity_poly.type   'polypeptide(L)'
_entity_poly.pdbx_seq_one_letter_code
;GPGMKDCSNGCSAECTGEGGSKEVVGTFKAKDLIVTPATILKEKPDPNNLVFGTVFTDHMLTVEWSSEFGWEKPHIKPLQ
NLSLHPGSSALHYAVELFEGLKAFRGVDNKIRLFQPNLNMDRMYRSAVRATLPVFDKEELLECIQQLVKLDQEWVPYSTS
ASLYIRPTFIGTEPSLGVKKPTKALLFVLLSPVGPYFSSGTFNPVSLWANPKYVRAWKGGTGDCKMGGNYGSSLFAQCEA
VDNGCQQVLWLYGEDHQITEVGTMNLFLYWINEDGEEELATPPLDGIILPGVTRRCILDLAHQWGEFKVSERYLTMDDLT
TALEGNRVREMFGSGTACVVCPVSDILYKGETIHIPTMENGPKLASRILSKLTDIQYGREERDWTIVLS
;
_entity_poly.pdbx_strand_id   A,B
#
loop_
_chem_comp.id
_chem_comp.type
_chem_comp.name
_chem_comp.formula
MG non-polymer 'MAGNESIUM ION' 'Mg 2'
PLP non-polymer PYRIDOXAL-5'-PHOSPHATE 'C8 H10 N O6 P'
UTE non-polymer 4-[2,4-bis(oxidanylidene)-6-(trifluoromethyl)-1H-pyrimidin-3-yl]-5-methyl-2-(2-methylphenoxy)benzenecarbonitrile 'C20 H14 F3 N3 O3'
#
# COMPACT_ATOMS: atom_id res chain seq x y z
N VAL A 25 23.22 11.97 6.12
CA VAL A 25 21.95 12.69 5.78
C VAL A 25 22.29 14.08 5.23
N GLY A 26 21.52 14.52 4.22
CA GLY A 26 21.64 15.85 3.61
C GLY A 26 20.29 16.31 3.06
N THR A 27 20.31 17.28 2.13
CA THR A 27 19.09 17.82 1.48
C THR A 27 19.45 18.53 0.18
N PHE A 28 18.54 18.46 -0.80
CA PHE A 28 18.52 19.35 -2.00
C PHE A 28 18.25 20.78 -1.52
N LYS A 29 18.83 21.77 -2.19
CA LYS A 29 18.69 23.21 -1.83
C LYS A 29 17.94 23.92 -2.97
N ALA A 30 17.05 24.87 -2.62
CA ALA A 30 16.23 25.65 -3.56
C ALA A 30 17.12 26.58 -4.38
N LYS A 31 18.20 27.10 -3.78
CA LYS A 31 19.18 27.98 -4.48
C LYS A 31 19.80 27.24 -5.67
N ASP A 32 19.82 25.90 -5.67
CA ASP A 32 20.41 25.07 -6.75
C ASP A 32 19.39 24.75 -7.84
N LEU A 33 18.16 25.29 -7.76
CA LEU A 33 17.09 25.00 -8.75
C LEU A 33 17.61 25.21 -10.18
N ILE A 34 17.37 24.22 -11.03
CA ILE A 34 17.60 24.27 -12.51
C ILE A 34 16.23 24.33 -13.18
N VAL A 35 15.91 25.47 -13.80
CA VAL A 35 14.57 25.75 -14.42
C VAL A 35 14.69 25.58 -15.94
N THR A 36 13.92 24.65 -16.51
CA THR A 36 13.76 24.45 -17.97
C THR A 36 12.31 24.82 -18.32
N PRO A 37 12.03 26.07 -18.75
CA PRO A 37 10.67 26.45 -19.12
C PRO A 37 10.21 25.71 -20.38
N ALA A 38 8.90 25.49 -20.50
CA ALA A 38 8.25 24.85 -21.67
C ALA A 38 8.07 25.90 -22.76
N THR A 39 8.30 25.52 -24.03
CA THR A 39 8.23 26.42 -25.20
C THR A 39 6.78 26.51 -25.70
N ILE A 40 5.94 25.51 -25.38
CA ILE A 40 4.49 25.45 -25.75
C ILE A 40 3.65 25.31 -24.48
N LEU A 41 2.65 26.19 -24.31
CA LEU A 41 1.75 26.26 -23.13
C LEU A 41 0.40 25.62 -23.49
N LYS A 42 -0.20 24.86 -22.57
CA LYS A 42 -1.55 24.25 -22.74
C LYS A 42 -2.62 25.30 -22.44
N GLU A 43 -3.81 25.14 -23.01
CA GLU A 43 -4.99 26.01 -22.76
CA GLU A 43 -4.95 26.07 -22.74
C GLU A 43 -5.47 25.80 -21.32
N LYS A 44 -5.73 26.87 -20.58
CA LYS A 44 -6.32 26.79 -19.21
C LYS A 44 -7.79 26.36 -19.36
N PRO A 45 -8.30 25.49 -18.47
CA PRO A 45 -9.71 25.07 -18.55
C PRO A 45 -10.64 26.15 -18.00
N ASP A 46 -11.94 26.05 -18.30
CA ASP A 46 -13.01 26.88 -17.70
C ASP A 46 -13.08 26.56 -16.22
N PRO A 47 -12.89 27.55 -15.30
CA PRO A 47 -12.96 27.31 -13.86
C PRO A 47 -14.24 26.58 -13.37
N ASN A 48 -15.32 26.66 -14.15
CA ASN A 48 -16.65 26.04 -13.85
C ASN A 48 -16.65 24.54 -14.19
N ASN A 49 -16.14 24.16 -15.37
CA ASN A 49 -16.15 22.78 -15.91
C ASN A 49 -14.93 21.98 -15.43
N LEU A 50 -14.46 22.18 -14.19
CA LEU A 50 -13.24 21.51 -13.65
C LEU A 50 -13.63 20.20 -12.96
N VAL A 51 -13.08 19.08 -13.41
CA VAL A 51 -13.19 17.74 -12.75
C VAL A 51 -11.90 17.56 -11.93
N PHE A 52 -12.02 17.15 -10.67
CA PHE A 52 -10.89 17.10 -9.71
C PHE A 52 -9.76 16.20 -10.25
N GLY A 53 -8.53 16.73 -10.24
CA GLY A 53 -7.27 15.99 -10.45
C GLY A 53 -7.15 15.39 -11.85
N THR A 54 -7.88 15.91 -12.84
CA THR A 54 -7.90 15.39 -14.24
C THR A 54 -6.99 16.25 -15.14
N VAL A 55 -6.91 17.55 -14.88
CA VAL A 55 -6.12 18.54 -15.68
C VAL A 55 -4.81 18.85 -14.93
N PHE A 56 -3.69 18.94 -15.64
CA PHE A 56 -2.35 19.23 -15.07
C PHE A 56 -1.75 20.48 -15.74
N THR A 57 -0.90 21.19 -15.00
CA THR A 57 -0.26 22.46 -15.42
C THR A 57 0.90 22.17 -16.38
N ASP A 58 1.67 23.20 -16.75
CA ASP A 58 2.74 23.13 -17.77
C ASP A 58 4.02 22.50 -17.18
N HIS A 59 4.28 22.72 -15.89
CA HIS A 59 5.58 22.36 -15.24
C HIS A 59 5.36 21.43 -14.05
N MET A 60 6.40 20.65 -13.73
CA MET A 60 6.49 19.75 -12.54
C MET A 60 7.84 19.99 -11.86
N LEU A 61 7.96 19.67 -10.56
CA LEU A 61 9.26 19.62 -9.83
C LEU A 61 9.68 18.16 -9.72
N THR A 62 10.97 17.86 -9.98
CA THR A 62 11.58 16.53 -9.82
C THR A 62 12.92 16.66 -9.09
N VAL A 63 13.20 15.75 -8.17
CA VAL A 63 14.51 15.66 -7.45
C VAL A 63 14.87 14.17 -7.30
N GLU A 64 15.99 13.75 -7.91
CA GLU A 64 16.54 12.37 -7.83
C GLU A 64 17.31 12.22 -6.51
N TRP A 65 17.33 11.00 -5.94
CA TRP A 65 18.13 10.65 -4.73
C TRP A 65 18.74 9.27 -4.91
N SER A 66 19.97 9.10 -4.43
CA SER A 66 20.68 7.80 -4.34
C SER A 66 21.34 7.69 -2.96
N SER A 67 21.50 6.47 -2.45
CA SER A 67 22.24 6.19 -1.18
C SER A 67 23.74 6.45 -1.40
N GLU A 68 24.20 6.29 -2.65
CA GLU A 68 25.62 6.44 -3.08
C GLU A 68 26.04 7.93 -3.03
N PHE A 69 25.20 8.85 -3.52
CA PHE A 69 25.56 10.28 -3.73
C PHE A 69 24.60 11.25 -3.03
N GLY A 70 23.52 10.76 -2.41
CA GLY A 70 22.53 11.63 -1.76
C GLY A 70 21.65 12.34 -2.78
N TRP A 71 21.12 13.52 -2.42
CA TRP A 71 20.14 14.30 -3.24
C TRP A 71 20.86 14.96 -4.42
N GLU A 72 20.31 14.83 -5.63
CA GLU A 72 20.72 15.62 -6.82
C GLU A 72 20.09 17.02 -6.70
N LYS A 73 20.40 17.93 -7.63
CA LYS A 73 19.82 19.29 -7.69
C LYS A 73 18.35 19.19 -8.08
N PRO A 74 17.47 20.04 -7.53
CA PRO A 74 16.06 20.04 -7.92
C PRO A 74 15.82 20.68 -9.29
N HIS A 75 14.88 20.13 -10.07
CA HIS A 75 14.55 20.54 -11.46
C HIS A 75 13.09 20.98 -11.54
N ILE A 76 12.82 22.19 -12.04
CA ILE A 76 11.47 22.61 -12.53
C ILE A 76 11.51 22.52 -14.05
N LYS A 77 10.77 21.57 -14.63
CA LYS A 77 10.81 21.28 -16.09
C LYS A 77 9.40 20.98 -16.59
N PRO A 78 9.18 20.91 -17.92
CA PRO A 78 7.85 20.66 -18.47
C PRO A 78 7.31 19.30 -18.00
N LEU A 79 6.00 19.23 -17.74
CA LEU A 79 5.30 17.97 -17.37
C LEU A 79 5.63 16.92 -18.43
N GLN A 80 6.06 15.75 -17.98
CA GLN A 80 6.46 14.61 -18.84
C GLN A 80 6.21 13.31 -18.09
N ASN A 81 6.13 12.20 -18.81
CA ASN A 81 6.09 10.84 -18.23
C ASN A 81 7.40 10.63 -17.46
N LEU A 82 7.33 9.90 -16.34
CA LEU A 82 8.50 9.38 -15.61
C LEU A 82 8.98 8.12 -16.31
N SER A 83 10.30 7.97 -16.52
CA SER A 83 10.92 6.74 -17.05
C SER A 83 11.42 5.90 -15.87
N LEU A 84 10.68 4.85 -15.51
CA LEU A 84 10.95 4.00 -14.33
C LEU A 84 11.30 2.59 -14.78
N HIS A 85 12.34 2.00 -14.18
CA HIS A 85 12.65 0.56 -14.28
C HIS A 85 11.44 -0.21 -13.79
N PRO A 86 10.97 -1.26 -14.51
CA PRO A 86 9.75 -1.98 -14.12
C PRO A 86 9.88 -2.73 -12.79
N GLY A 87 11.10 -2.79 -12.22
CA GLY A 87 11.39 -3.35 -10.89
C GLY A 87 11.20 -2.34 -9.76
N SER A 88 10.94 -1.07 -10.09
CA SER A 88 10.88 0.05 -9.11
C SER A 88 9.96 -0.32 -7.95
N SER A 89 10.44 -0.22 -6.71
CA SER A 89 9.76 -0.71 -5.49
C SER A 89 8.38 -0.06 -5.31
N ALA A 90 8.19 1.14 -5.89
CA ALA A 90 6.92 1.90 -5.83
C ALA A 90 5.79 1.08 -6.49
N LEU A 91 6.09 0.31 -7.55
CA LEU A 91 5.11 -0.44 -8.37
C LEU A 91 4.82 -1.82 -7.75
N HIS A 92 5.68 -2.30 -6.85
CA HIS A 92 5.68 -3.69 -6.34
C HIS A 92 5.24 -3.75 -4.86
N TYR A 93 5.88 -2.97 -3.99
CA TYR A 93 5.69 -3.01 -2.52
C TYR A 93 5.22 -1.64 -2.01
N ALA A 94 4.59 -0.85 -2.88
CA ALA A 94 3.94 0.44 -2.55
C ALA A 94 4.87 1.28 -1.68
N VAL A 95 6.16 1.35 -2.03
CA VAL A 95 7.15 2.24 -1.37
C VAL A 95 6.90 3.65 -1.93
N GLU A 96 5.87 4.30 -1.40
CA GLU A 96 5.36 5.61 -1.90
C GLU A 96 4.59 6.32 -0.78
N LEU A 97 4.62 7.65 -0.81
CA LEU A 97 3.74 8.54 -0.01
C LEU A 97 3.41 9.76 -0.86
N PHE A 98 2.42 10.55 -0.43
CA PHE A 98 1.97 11.79 -1.12
C PHE A 98 1.51 12.82 -0.10
N GLU A 99 1.24 14.03 -0.57
CA GLU A 99 0.60 15.13 0.21
C GLU A 99 -0.48 15.78 -0.64
N GLY A 100 -1.36 16.54 0.02
CA GLY A 100 -2.46 17.32 -0.60
C GLY A 100 -2.64 18.65 0.12
N LEU A 101 -2.20 19.73 -0.52
CA LEU A 101 -2.40 21.13 -0.06
C LEU A 101 -2.76 21.97 -1.29
N LYS A 102 -3.32 23.16 -1.07
CA LYS A 102 -3.94 24.00 -2.13
C LYS A 102 -3.31 25.40 -2.13
N ALA A 103 -3.28 26.03 -3.31
CA ALA A 103 -2.98 27.47 -3.52
C ALA A 103 -4.29 28.16 -3.93
N PHE A 104 -4.61 29.30 -3.31
CA PHE A 104 -5.87 30.05 -3.50
C PHE A 104 -5.56 31.47 -4.00
N ARG A 105 -6.10 31.84 -5.16
CA ARG A 105 -6.10 33.25 -5.66
C ARG A 105 -7.16 34.02 -4.88
N GLY A 106 -6.72 34.92 -3.99
CA GLY A 106 -7.58 35.66 -3.06
C GLY A 106 -8.39 36.73 -3.78
N VAL A 107 -9.35 37.33 -3.06
CA VAL A 107 -10.25 38.42 -3.54
C VAL A 107 -9.42 39.65 -3.96
N ASP A 108 -8.15 39.71 -3.54
CA ASP A 108 -7.19 40.80 -3.86
C ASP A 108 -6.20 40.34 -4.95
N ASN A 109 -6.42 39.16 -5.53
CA ASN A 109 -5.58 38.59 -6.63
C ASN A 109 -4.19 38.20 -6.12
N LYS A 110 -3.99 38.10 -4.81
CA LYS A 110 -2.75 37.58 -4.17
C LYS A 110 -2.93 36.07 -3.94
N ILE A 111 -2.00 35.25 -4.46
CA ILE A 111 -2.04 33.76 -4.32
C ILE A 111 -1.46 33.40 -2.95
N ARG A 112 -2.17 32.57 -2.18
CA ARG A 112 -1.79 32.17 -0.80
C ARG A 112 -1.74 30.65 -0.68
N LEU A 113 -0.71 30.11 -0.03
CA LEU A 113 -0.71 28.72 0.51
C LEU A 113 -1.37 28.76 1.89
N PHE A 114 -1.85 27.62 2.38
CA PHE A 114 -2.61 27.48 3.65
C PHE A 114 -2.00 26.38 4.52
N GLN A 115 -1.38 26.78 5.64
CA GLN A 115 -0.71 25.87 6.62
C GLN A 115 0.19 24.88 5.88
N PRO A 116 1.05 25.34 4.94
CA PRO A 116 1.85 24.41 4.15
C PRO A 116 2.92 23.72 5.01
N ASN A 117 3.34 24.37 6.09
CA ASN A 117 4.37 23.87 7.05
C ASN A 117 3.88 22.55 7.68
N LEU A 118 2.58 22.43 7.95
CA LEU A 118 1.97 21.20 8.54
C LEU A 118 2.02 20.06 7.52
N ASN A 119 1.77 20.37 6.24
CA ASN A 119 1.85 19.39 5.12
C ASN A 119 3.29 18.89 4.97
N MET A 120 4.28 19.76 5.19
CA MET A 120 5.73 19.42 5.09
C MET A 120 6.12 18.54 6.29
N ASP A 121 5.65 18.88 7.50
CA ASP A 121 5.85 18.08 8.74
C ASP A 121 5.32 16.67 8.49
N ARG A 122 4.05 16.58 8.09
CA ARG A 122 3.31 15.30 7.89
C ARG A 122 4.04 14.44 6.84
N MET A 123 4.62 15.07 5.81
CA MET A 123 5.30 14.38 4.67
C MET A 123 6.66 13.84 5.12
N TYR A 124 7.38 14.61 5.94
CA TYR A 124 8.69 14.22 6.54
C TYR A 124 8.50 12.97 7.40
N ARG A 125 7.50 13.00 8.31
CA ARG A 125 7.17 11.90 9.24
C ARG A 125 6.77 10.64 8.45
N SER A 126 6.06 10.83 7.33
CA SER A 126 5.60 9.74 6.41
C SER A 126 6.81 9.09 5.72
N ALA A 127 7.76 9.90 5.26
CA ALA A 127 9.02 9.45 4.62
C ALA A 127 9.80 8.55 5.57
N VAL A 128 9.98 8.99 6.82
CA VAL A 128 10.70 8.23 7.90
C VAL A 128 10.03 6.85 8.05
N ARG A 129 8.70 6.84 8.18
CA ARG A 129 7.89 5.61 8.39
C ARG A 129 7.93 4.72 7.14
N ALA A 130 8.16 5.31 5.96
CA ALA A 130 8.22 4.60 4.66
C ALA A 130 9.64 4.13 4.36
N THR A 131 10.64 4.56 5.14
CA THR A 131 12.09 4.30 4.97
C THR A 131 12.61 4.98 3.68
N LEU A 132 11.93 6.04 3.24
CA LEU A 132 12.43 6.94 2.17
C LEU A 132 13.34 7.98 2.81
N PRO A 133 14.30 8.55 2.07
CA PRO A 133 15.28 9.46 2.65
C PRO A 133 14.65 10.79 3.11
N VAL A 134 15.15 11.34 4.21
CA VAL A 134 14.67 12.63 4.80
C VAL A 134 15.21 13.80 3.97
N PHE A 135 14.54 14.96 4.05
CA PHE A 135 14.86 16.22 3.32
C PHE A 135 14.55 17.43 4.22
N ASP A 136 15.11 18.60 3.90
CA ASP A 136 14.83 19.87 4.61
C ASP A 136 13.45 20.36 4.16
N LYS A 137 12.51 20.45 5.11
CA LYS A 137 11.09 20.86 4.89
C LYS A 137 11.04 22.27 4.26
N GLU A 138 11.91 23.18 4.71
CA GLU A 138 11.95 24.60 4.25
C GLU A 138 12.35 24.63 2.77
N GLU A 139 13.33 23.80 2.36
CA GLU A 139 13.88 23.78 0.98
C GLU A 139 12.81 23.26 0.01
N LEU A 140 12.08 22.20 0.39
CA LEU A 140 10.97 21.65 -0.42
C LEU A 140 9.90 22.74 -0.60
N LEU A 141 9.44 23.33 0.50
CA LEU A 141 8.37 24.37 0.51
C LEU A 141 8.77 25.48 -0.47
N GLU A 142 10.03 25.94 -0.42
CA GLU A 142 10.55 27.04 -1.28
C GLU A 142 10.56 26.58 -2.74
N CYS A 143 11.02 25.35 -3.01
CA CYS A 143 10.97 24.72 -4.37
C CYS A 143 9.53 24.69 -4.89
N ILE A 144 8.57 24.32 -4.02
CA ILE A 144 7.12 24.25 -4.36
C ILE A 144 6.62 25.66 -4.74
N GLN A 145 7.00 26.67 -3.95
CA GLN A 145 6.59 28.08 -4.18
C GLN A 145 7.09 28.56 -5.55
N GLN A 146 8.32 28.19 -5.93
CA GLN A 146 8.93 28.54 -7.24
C GLN A 146 8.09 27.94 -8.38
N LEU A 147 7.67 26.68 -8.23
CA LEU A 147 6.87 25.93 -9.25
C LEU A 147 5.50 26.62 -9.40
N VAL A 148 4.83 26.88 -8.28
CA VAL A 148 3.48 27.53 -8.24
C VAL A 148 3.61 28.93 -8.87
N LYS A 149 4.71 29.64 -8.62
CA LYS A 149 4.95 31.01 -9.11
C LYS A 149 5.07 30.98 -10.64
N LEU A 150 5.86 30.06 -11.19
CA LEU A 150 6.08 29.89 -12.65
C LEU A 150 4.74 29.59 -13.35
N ASP A 151 3.89 28.78 -12.72
CA ASP A 151 2.58 28.33 -13.29
C ASP A 151 1.42 29.04 -12.58
N GLN A 152 1.63 30.25 -12.06
CA GLN A 152 0.67 30.96 -11.16
C GLN A 152 -0.65 31.23 -11.89
N GLU A 153 -0.64 31.33 -13.22
CA GLU A 153 -1.85 31.62 -14.05
C GLU A 153 -2.77 30.39 -14.10
N TRP A 154 -2.30 29.23 -13.62
CA TRP A 154 -3.13 28.01 -13.46
C TRP A 154 -4.00 28.11 -12.21
N VAL A 155 -3.56 28.88 -11.21
CA VAL A 155 -4.34 29.14 -9.97
C VAL A 155 -5.63 29.85 -10.40
N PRO A 156 -6.80 29.16 -10.37
CA PRO A 156 -8.00 29.65 -11.04
C PRO A 156 -8.49 31.03 -10.59
N TYR A 157 -9.03 31.81 -11.52
CA TYR A 157 -9.68 33.12 -11.28
C TYR A 157 -11.14 32.87 -10.90
N SER A 158 -11.35 32.40 -9.66
CA SER A 158 -12.66 31.97 -9.09
C SER A 158 -12.53 31.80 -7.57
N THR A 159 -13.45 32.38 -6.80
CA THR A 159 -13.40 32.43 -5.31
C THR A 159 -13.86 31.09 -4.71
N SER A 160 -14.19 30.09 -5.54
CA SER A 160 -14.62 28.73 -5.11
C SER A 160 -13.80 27.64 -5.81
N ALA A 161 -12.72 28.01 -6.52
CA ALA A 161 -11.76 27.09 -7.16
C ALA A 161 -10.37 27.33 -6.55
N SER A 162 -9.42 26.44 -6.85
CA SER A 162 -8.04 26.46 -6.29
C SER A 162 -7.09 25.63 -7.16
N LEU A 163 -5.80 25.65 -6.82
CA LEU A 163 -4.76 24.80 -7.44
C LEU A 163 -4.34 23.73 -6.43
N TYR A 164 -4.57 22.45 -6.75
CA TYR A 164 -4.13 21.28 -5.96
C TYR A 164 -2.62 21.10 -6.17
N ILE A 165 -1.87 20.95 -5.08
CA ILE A 165 -0.41 20.68 -5.07
C ILE A 165 -0.22 19.26 -4.57
N ARG A 166 0.40 18.40 -5.38
CA ARG A 166 0.57 16.96 -5.10
C ARG A 166 2.06 16.66 -5.03
N PRO A 167 2.70 16.88 -3.86
CA PRO A 167 4.03 16.33 -3.60
C PRO A 167 3.92 14.81 -3.52
N THR A 168 4.77 14.10 -4.26
CA THR A 168 4.78 12.62 -4.38
C THR A 168 6.21 12.14 -4.22
N PHE A 169 6.41 10.99 -3.60
CA PHE A 169 7.75 10.49 -3.20
C PHE A 169 7.75 8.96 -3.32
N ILE A 170 8.61 8.41 -4.19
CA ILE A 170 8.55 6.99 -4.65
C ILE A 170 9.94 6.37 -4.65
N GLY A 171 10.03 5.11 -4.23
CA GLY A 171 11.25 4.28 -4.36
C GLY A 171 11.42 3.80 -5.80
N THR A 172 12.60 4.04 -6.37
CA THR A 172 12.94 3.71 -7.79
C THR A 172 14.09 2.69 -7.80
N GLU A 173 14.31 2.01 -6.68
CA GLU A 173 15.25 0.88 -6.54
C GLU A 173 14.89 -0.19 -7.58
N PRO A 174 15.74 -0.47 -8.59
CA PRO A 174 15.44 -1.48 -9.60
C PRO A 174 15.74 -2.89 -9.09
N SER A 175 15.00 -3.35 -8.08
CA SER A 175 15.27 -4.61 -7.33
C SER A 175 13.99 -5.11 -6.67
N LEU A 176 13.75 -6.42 -6.72
CA LEU A 176 12.50 -7.09 -6.23
C LEU A 176 12.63 -7.46 -4.76
N GLY A 177 13.83 -7.33 -4.18
CA GLY A 177 14.03 -7.45 -2.73
C GLY A 177 13.11 -6.50 -1.99
N VAL A 178 12.43 -7.00 -0.95
CA VAL A 178 11.60 -6.17 -0.02
C VAL A 178 12.56 -5.50 0.95
N LYS A 179 12.91 -4.23 0.73
CA LYS A 179 13.99 -3.53 1.47
C LYS A 179 13.84 -2.01 1.35
N LYS A 180 14.56 -1.30 2.23
CA LYS A 180 14.82 0.16 2.17
C LYS A 180 15.43 0.48 0.82
N PRO A 181 14.82 1.41 0.02
CA PRO A 181 15.35 1.73 -1.30
C PRO A 181 16.67 2.53 -1.26
N THR A 182 17.54 2.33 -2.27
CA THR A 182 18.84 3.02 -2.43
C THR A 182 18.78 4.02 -3.60
N LYS A 183 17.63 4.10 -4.27
CA LYS A 183 17.30 5.14 -5.28
C LYS A 183 15.85 5.57 -5.05
N ALA A 184 15.54 6.85 -5.26
CA ALA A 184 14.19 7.41 -5.08
C ALA A 184 14.03 8.69 -5.91
N LEU A 185 12.77 9.08 -6.13
CA LEU A 185 12.38 10.33 -6.84
C LEU A 185 11.32 11.03 -6.01
N LEU A 186 11.53 12.32 -5.71
CA LEU A 186 10.51 13.21 -5.14
C LEU A 186 10.09 14.19 -6.23
N PHE A 187 8.81 14.19 -6.59
CA PHE A 187 8.23 15.08 -7.64
C PHE A 187 6.97 15.76 -7.09
N VAL A 188 6.60 16.90 -7.69
CA VAL A 188 5.40 17.70 -7.32
C VAL A 188 4.59 17.98 -8.59
N LEU A 189 3.29 17.68 -8.56
CA LEU A 189 2.32 17.99 -9.64
C LEU A 189 1.40 19.11 -9.19
N LEU A 190 0.92 19.91 -10.15
CA LEU A 190 -0.09 20.97 -9.95
C LEU A 190 -1.31 20.64 -10.82
N SER A 191 -2.50 20.76 -10.24
CA SER A 191 -3.79 20.46 -10.92
C SER A 191 -4.83 21.48 -10.47
N PRO A 192 -5.44 22.27 -11.39
CA PRO A 192 -6.52 23.18 -11.02
C PRO A 192 -7.81 22.37 -10.75
N VAL A 193 -8.46 22.65 -9.62
CA VAL A 193 -9.69 21.94 -9.16
C VAL A 193 -10.79 22.96 -8.88
N GLY A 194 -12.02 22.68 -9.34
CA GLY A 194 -13.22 23.48 -9.04
C GLY A 194 -13.75 23.19 -7.65
N PRO A 195 -14.94 23.74 -7.29
CA PRO A 195 -15.53 23.50 -5.97
C PRO A 195 -15.90 22.02 -5.83
N TYR A 196 -15.82 21.48 -4.60
CA TYR A 196 -16.11 20.05 -4.29
C TYR A 196 -17.44 19.61 -4.92
N PHE A 197 -18.47 20.46 -4.87
CA PHE A 197 -19.81 20.21 -5.47
C PHE A 197 -20.10 21.27 -6.56
N SER A 198 -20.80 20.86 -7.62
CA SER A 198 -21.23 21.68 -8.79
C SER A 198 -21.55 23.12 -8.37
N SER A 199 -22.53 23.30 -7.48
CA SER A 199 -23.05 24.62 -7.02
C SER A 199 -22.01 25.34 -6.15
N GLY A 200 -21.42 24.64 -5.19
CA GLY A 200 -20.50 25.18 -4.17
C GLY A 200 -21.17 25.19 -2.80
N THR A 201 -22.50 25.25 -2.77
CA THR A 201 -23.34 25.13 -1.54
C THR A 201 -23.23 23.70 -0.99
N PHE A 202 -23.87 23.44 0.16
CA PHE A 202 -23.89 22.14 0.86
C PHE A 202 -24.73 21.15 0.06
N ASN A 203 -24.15 19.99 -0.28
CA ASN A 203 -24.87 18.81 -0.84
C ASN A 203 -24.65 17.64 0.11
N PRO A 204 -25.47 17.49 1.18
CA PRO A 204 -25.14 16.56 2.27
C PRO A 204 -24.97 15.12 1.77
N VAL A 205 -24.08 14.36 2.42
CA VAL A 205 -23.61 13.03 1.93
C VAL A 205 -24.31 11.92 2.72
N SER A 206 -24.57 10.79 2.05
CA SER A 206 -24.94 9.49 2.66
C SER A 206 -23.69 8.64 2.84
N LEU A 207 -23.57 7.98 3.99
CA LEU A 207 -22.42 7.11 4.33
C LEU A 207 -22.85 5.65 4.30
N TRP A 208 -21.96 4.79 3.78
CA TRP A 208 -22.05 3.30 3.78
C TRP A 208 -21.19 2.77 4.94
N ALA A 209 -21.82 2.14 5.94
CA ALA A 209 -21.16 1.63 7.16
C ALA A 209 -21.24 0.09 7.18
N ASN A 210 -20.20 -0.56 6.65
CA ASN A 210 -20.03 -2.03 6.66
C ASN A 210 -18.77 -2.36 7.46
N PRO A 211 -18.88 -3.00 8.65
CA PRO A 211 -17.71 -3.26 9.48
C PRO A 211 -16.78 -4.35 8.89
N LYS A 212 -17.28 -5.07 7.89
CA LYS A 212 -16.55 -6.11 7.09
C LYS A 212 -15.21 -5.56 6.58
N TYR A 213 -15.14 -4.28 6.20
CA TYR A 213 -13.90 -3.62 5.71
C TYR A 213 -13.32 -2.70 6.81
N VAL A 214 -11.99 -2.62 6.88
CA VAL A 214 -11.25 -1.78 7.88
C VAL A 214 -10.12 -1.02 7.16
N ARG A 215 -10.11 0.31 7.29
CA ARG A 215 -9.15 1.22 6.62
C ARG A 215 -7.75 1.05 7.21
N ALA A 216 -7.65 0.98 8.53
CA ALA A 216 -6.36 0.95 9.27
C ALA A 216 -6.54 0.25 10.62
N TRP A 217 -5.42 -0.23 11.17
CA TRP A 217 -5.32 -0.99 12.46
C TRP A 217 -4.19 -0.38 13.30
N LYS A 218 -4.19 -0.64 14.61
CA LYS A 218 -3.12 -0.22 15.55
C LYS A 218 -1.82 -0.92 15.12
N GLY A 219 -0.72 -0.16 15.00
CA GLY A 219 0.59 -0.68 14.57
C GLY A 219 0.74 -0.70 13.06
N GLY A 220 -0.26 -0.17 12.35
CA GLY A 220 -0.23 0.07 10.89
C GLY A 220 0.26 1.48 10.60
N THR A 221 -0.04 1.98 9.39
CA THR A 221 0.45 3.27 8.85
C THR A 221 -0.75 4.18 8.57
N GLY A 222 -1.87 3.97 9.27
CA GLY A 222 -3.13 4.73 9.10
C GLY A 222 -2.95 6.22 9.35
N ASP A 223 -1.97 6.59 10.18
CA ASP A 223 -1.70 8.00 10.63
C ASP A 223 -0.71 8.68 9.69
N CYS A 224 -0.34 8.03 8.57
CA CYS A 224 0.57 8.57 7.52
C CYS A 224 -0.17 8.59 6.18
N LYS A 225 0.24 9.49 5.27
CA LYS A 225 -0.37 9.64 3.92
C LYS A 225 0.45 8.79 2.92
N MET A 226 0.55 7.49 3.20
CA MET A 226 1.28 6.49 2.36
C MET A 226 0.26 5.78 1.45
N GLY A 227 0.64 5.58 0.18
CA GLY A 227 -0.24 5.05 -0.89
C GLY A 227 -0.94 3.76 -0.51
N GLY A 228 -0.26 2.90 0.27
CA GLY A 228 -0.76 1.57 0.68
C GLY A 228 -2.10 1.65 1.40
N ASN A 229 -2.35 2.72 2.15
CA ASN A 229 -3.57 2.92 2.99
C ASN A 229 -4.82 3.08 2.11
N TYR A 230 -4.66 3.46 0.83
CA TYR A 230 -5.76 3.92 -0.05
C TYR A 230 -6.15 2.84 -1.07
N GLY A 231 -5.20 2.04 -1.54
CA GLY A 231 -5.44 0.99 -2.54
C GLY A 231 -6.55 0.04 -2.14
N SER A 232 -6.63 -0.28 -0.85
CA SER A 232 -7.56 -1.28 -0.25
C SER A 232 -8.96 -0.68 -0.03
N SER A 233 -9.17 0.61 -0.30
CA SER A 233 -10.40 1.36 0.03
C SER A 233 -11.35 1.42 -1.18
N LEU A 234 -10.85 1.20 -2.40
CA LEU A 234 -11.59 1.42 -3.68
C LEU A 234 -12.81 0.49 -3.79
N PHE A 235 -12.62 -0.80 -3.52
CA PHE A 235 -13.68 -1.85 -3.59
C PHE A 235 -14.84 -1.45 -2.68
N ALA A 236 -14.54 -0.88 -1.51
CA ALA A 236 -15.52 -0.46 -0.47
C ALA A 236 -16.29 0.78 -0.97
N GLN A 237 -15.59 1.75 -1.55
CA GLN A 237 -16.19 2.99 -2.11
C GLN A 237 -17.11 2.62 -3.27
N CYS A 238 -16.71 1.66 -4.12
CA CYS A 238 -17.54 1.12 -5.23
C CYS A 238 -18.82 0.49 -4.65
N GLU A 239 -18.71 -0.20 -3.52
CA GLU A 239 -19.85 -0.88 -2.84
C GLU A 239 -20.77 0.17 -2.20
N ALA A 240 -20.22 1.31 -1.79
CA ALA A 240 -20.98 2.47 -1.26
C ALA A 240 -21.84 3.07 -2.38
N VAL A 241 -21.25 3.31 -3.55
CA VAL A 241 -21.92 3.92 -4.74
C VAL A 241 -23.04 2.98 -5.22
N ASP A 242 -22.80 1.67 -5.17
CA ASP A 242 -23.79 0.63 -5.58
C ASP A 242 -25.04 0.71 -4.69
N ASN A 243 -24.88 1.02 -3.40
CA ASN A 243 -25.99 1.14 -2.42
C ASN A 243 -26.42 2.61 -2.27
N GLY A 244 -26.04 3.46 -3.24
CA GLY A 244 -26.54 4.84 -3.37
C GLY A 244 -25.99 5.77 -2.30
N CYS A 245 -24.76 5.54 -1.85
CA CYS A 245 -24.02 6.40 -0.88
C CYS A 245 -22.82 7.05 -1.57
N GLN A 246 -22.40 8.22 -1.11
CA GLN A 246 -21.32 9.04 -1.72
C GLN A 246 -19.97 8.66 -1.12
N GLN A 247 -19.95 8.22 0.15
CA GLN A 247 -18.72 7.96 0.94
C GLN A 247 -18.87 6.70 1.79
N VAL A 248 -17.74 6.16 2.24
CA VAL A 248 -17.63 5.04 3.23
C VAL A 248 -17.46 5.66 4.64
N LEU A 249 -18.24 5.20 5.62
CA LEU A 249 -17.96 5.41 7.06
C LEU A 249 -17.12 4.23 7.54
N TRP A 250 -15.86 4.49 7.89
CA TRP A 250 -14.87 3.48 8.32
C TRP A 250 -15.09 3.13 9.80
N LEU A 251 -15.43 1.87 10.09
CA LEU A 251 -15.70 1.33 11.44
C LEU A 251 -14.51 0.51 11.92
N TYR A 252 -14.11 0.70 13.19
CA TYR A 252 -13.02 -0.06 13.86
C TYR A 252 -13.57 -0.73 15.12
N GLY A 253 -13.18 -2.00 15.35
CA GLY A 253 -13.29 -2.69 16.64
C GLY A 253 -14.62 -3.40 16.81
N GLU A 254 -14.77 -4.13 17.92
CA GLU A 254 -15.93 -5.00 18.25
C GLU A 254 -17.20 -4.15 18.46
N ASP A 255 -17.04 -2.92 18.96
CA ASP A 255 -18.19 -2.02 19.31
C ASP A 255 -18.34 -0.93 18.25
N HIS A 256 -17.71 -1.10 17.09
CA HIS A 256 -17.95 -0.29 15.85
C HIS A 256 -17.74 1.20 16.13
N GLN A 257 -16.49 1.60 16.35
CA GLN A 257 -16.08 3.02 16.44
C GLN A 257 -16.19 3.68 15.07
N ILE A 258 -16.82 4.86 15.00
CA ILE A 258 -16.81 5.72 13.78
C ILE A 258 -15.48 6.46 13.74
N THR A 259 -14.65 6.24 12.71
CA THR A 259 -13.25 6.72 12.63
C THR A 259 -13.16 7.89 11.65
N GLU A 260 -13.44 7.64 10.37
CA GLU A 260 -13.23 8.61 9.27
C GLU A 260 -14.38 8.49 8.26
N VAL A 261 -14.78 9.61 7.67
CA VAL A 261 -15.78 9.67 6.56
C VAL A 261 -14.97 9.75 5.25
N GLY A 262 -14.83 8.61 4.58
CA GLY A 262 -14.00 8.45 3.37
C GLY A 262 -12.56 8.83 3.63
N THR A 263 -12.07 9.86 2.94
CA THR A 263 -10.71 10.44 3.09
C THR A 263 -10.82 11.80 3.79
N MET A 264 -11.75 11.91 4.73
CA MET A 264 -11.99 13.11 5.58
C MET A 264 -12.07 12.70 7.04
N ASN A 265 -11.66 13.58 7.94
CA ASN A 265 -11.78 13.39 9.41
C ASN A 265 -13.24 13.60 9.81
N LEU A 266 -13.68 12.91 10.87
CA LEU A 266 -15.11 12.86 11.30
C LEU A 266 -15.29 13.73 12.55
N PHE A 267 -16.24 14.66 12.49
CA PHE A 267 -16.63 15.57 13.61
C PHE A 267 -18.11 15.36 13.94
N LEU A 268 -18.41 15.25 15.24
CA LEU A 268 -19.79 15.14 15.78
C LEU A 268 -20.01 16.27 16.80
N TYR A 269 -20.99 17.13 16.52
CA TYR A 269 -21.43 18.26 17.38
C TYR A 269 -22.78 17.86 18.02
N TRP A 270 -22.82 17.75 19.35
CA TRP A 270 -23.92 17.07 20.07
C TRP A 270 -23.93 17.45 21.56
N ILE A 271 -25.00 17.06 22.25
CA ILE A 271 -25.08 17.02 23.74
C ILE A 271 -24.54 15.65 24.18
N ASN A 272 -23.42 15.63 24.90
CA ASN A 272 -22.73 14.37 25.30
C ASN A 272 -23.56 13.68 26.41
N GLU A 273 -23.04 12.58 26.96
CA GLU A 273 -23.76 11.71 27.95
C GLU A 273 -23.96 12.48 29.27
N ASP A 274 -23.15 13.50 29.55
CA ASP A 274 -23.21 14.34 30.77
C ASP A 274 -24.07 15.59 30.55
N GLY A 275 -24.76 15.68 29.40
CA GLY A 275 -25.66 16.81 29.09
C GLY A 275 -24.91 18.08 28.75
N GLU A 276 -23.67 17.97 28.27
CA GLU A 276 -22.78 19.11 27.92
C GLU A 276 -22.70 19.25 26.40
N GLU A 277 -22.84 20.49 25.91
CA GLU A 277 -22.60 20.88 24.49
C GLU A 277 -21.14 20.56 24.18
N GLU A 278 -20.88 19.73 23.17
CA GLU A 278 -19.54 19.13 22.89
C GLU A 278 -19.31 19.03 21.38
N LEU A 279 -18.10 19.38 20.93
CA LEU A 279 -17.57 19.01 19.60
C LEU A 279 -16.61 17.82 19.79
N ALA A 280 -16.94 16.67 19.20
CA ALA A 280 -16.21 15.38 19.40
C ALA A 280 -15.63 14.89 18.07
N THR A 281 -14.41 14.35 18.12
CA THR A 281 -13.69 13.76 16.96
C THR A 281 -12.80 12.64 17.50
N PRO A 282 -12.67 11.49 16.78
CA PRO A 282 -11.81 10.40 17.24
C PRO A 282 -10.38 10.86 17.52
N PRO A 283 -9.70 10.26 18.54
CA PRO A 283 -8.33 10.65 18.88
C PRO A 283 -7.30 10.05 17.90
N LEU A 284 -6.08 10.62 17.92
CA LEU A 284 -4.93 10.13 17.12
C LEU A 284 -4.27 8.96 17.88
N ASP A 285 -4.88 7.77 17.82
CA ASP A 285 -4.38 6.53 18.45
C ASP A 285 -3.71 5.62 17.39
N GLY A 286 -3.56 6.11 16.16
CA GLY A 286 -2.75 5.46 15.10
C GLY A 286 -3.57 5.03 13.89
N ILE A 287 -4.90 5.06 13.95
CA ILE A 287 -5.81 4.64 12.84
C ILE A 287 -6.47 5.88 12.20
N ILE A 288 -6.13 7.08 12.66
CA ILE A 288 -6.71 8.37 12.18
C ILE A 288 -5.61 9.20 11.51
N LEU A 289 -5.87 9.69 10.30
CA LEU A 289 -4.95 10.63 9.59
C LEU A 289 -5.05 11.97 10.29
N PRO A 290 -3.95 12.54 10.84
CA PRO A 290 -3.99 13.87 11.42
C PRO A 290 -4.14 14.92 10.32
N GLY A 291 -5.38 15.17 9.90
CA GLY A 291 -5.74 16.17 8.87
C GLY A 291 -5.38 17.58 9.30
N VAL A 292 -4.96 18.41 8.34
CA VAL A 292 -4.65 19.86 8.55
C VAL A 292 -5.95 20.59 8.90
N THR A 293 -7.06 20.26 8.22
CA THR A 293 -8.42 20.81 8.50
C THR A 293 -8.83 20.41 9.93
N ARG A 294 -8.61 19.14 10.29
CA ARG A 294 -8.87 18.61 11.66
C ARG A 294 -8.18 19.51 12.69
N ARG A 295 -6.87 19.77 12.51
CA ARG A 295 -6.03 20.62 13.38
C ARG A 295 -6.67 22.02 13.50
N CYS A 296 -7.07 22.61 12.37
CA CYS A 296 -7.61 24.01 12.31
C CYS A 296 -8.95 24.09 13.06
N ILE A 297 -9.85 23.13 12.85
CA ILE A 297 -11.21 23.10 13.47
C ILE A 297 -11.07 22.98 14.99
N LEU A 298 -10.14 22.16 15.47
CA LEU A 298 -9.88 21.95 16.92
C LEU A 298 -9.30 23.23 17.50
N ASP A 299 -8.31 23.81 16.83
CA ASP A 299 -7.66 25.10 17.23
C ASP A 299 -8.76 26.16 17.38
N LEU A 300 -9.61 26.33 16.37
CA LEU A 300 -10.73 27.31 16.34
C LEU A 300 -11.66 27.06 17.53
N ALA A 301 -12.09 25.81 17.71
CA ALA A 301 -13.06 25.39 18.76
C ALA A 301 -12.51 25.72 20.16
N HIS A 302 -11.25 25.34 20.43
CA HIS A 302 -10.53 25.62 21.70
C HIS A 302 -10.48 27.12 21.93
N GLN A 303 -10.14 27.88 20.88
CA GLN A 303 -9.96 29.35 20.88
C GLN A 303 -11.29 30.03 21.24
N TRP A 304 -12.39 29.63 20.58
CA TRP A 304 -13.74 30.21 20.79
C TRP A 304 -14.21 30.01 22.24
N GLY A 305 -13.85 28.87 22.85
CA GLY A 305 -14.13 28.52 24.26
C GLY A 305 -15.61 28.58 24.58
N GLU A 306 -16.47 28.21 23.63
CA GLU A 306 -17.96 28.31 23.76
C GLU A 306 -18.57 26.96 24.13
N PHE A 307 -17.86 25.84 23.90
CA PHE A 307 -18.34 24.47 24.20
C PHE A 307 -17.15 23.54 24.42
N LYS A 308 -17.39 22.35 24.99
CA LYS A 308 -16.36 21.33 25.26
C LYS A 308 -15.82 20.81 23.93
N VAL A 309 -14.50 20.64 23.83
CA VAL A 309 -13.80 20.01 22.67
C VAL A 309 -13.15 18.73 23.18
N SER A 310 -13.55 17.57 22.62
CA SER A 310 -13.14 16.22 23.09
C SER A 310 -12.63 15.37 21.93
N GLU A 311 -11.32 15.12 21.91
CA GLU A 311 -10.72 14.01 21.12
C GLU A 311 -11.03 12.73 21.89
N ARG A 312 -12.08 12.00 21.48
CA ARG A 312 -12.62 10.82 22.22
C ARG A 312 -13.23 9.80 21.25
N TYR A 313 -13.43 8.56 21.71
CA TYR A 313 -14.00 7.43 20.94
C TYR A 313 -15.53 7.62 20.80
N LEU A 314 -16.03 7.45 19.57
CA LEU A 314 -17.47 7.48 19.22
C LEU A 314 -17.84 6.16 18.55
N THR A 315 -18.89 5.48 19.05
CA THR A 315 -19.44 4.22 18.49
C THR A 315 -20.82 4.47 17.86
N MET A 316 -21.26 3.56 16.99
CA MET A 316 -22.61 3.60 16.37
C MET A 316 -23.68 3.57 17.47
N ASP A 317 -23.42 2.85 18.57
CA ASP A 317 -24.33 2.78 19.75
C ASP A 317 -24.42 4.15 20.44
N ASP A 318 -23.28 4.83 20.63
CA ASP A 318 -23.22 6.22 21.18
C ASP A 318 -24.08 7.15 20.31
N LEU A 319 -23.97 7.03 18.98
CA LEU A 319 -24.66 7.89 17.98
C LEU A 319 -26.17 7.62 18.01
N THR A 320 -26.57 6.36 17.85
CA THR A 320 -28.00 5.94 17.77
C THR A 320 -28.70 6.24 19.11
N THR A 321 -28.02 6.04 20.24
CA THR A 321 -28.52 6.38 21.60
C THR A 321 -28.75 7.89 21.72
N ALA A 322 -27.81 8.70 21.22
CA ALA A 322 -27.88 10.18 21.22
C ALA A 322 -29.00 10.64 20.26
N LEU A 323 -29.20 9.93 19.15
CA LEU A 323 -30.23 10.27 18.12
C LEU A 323 -31.64 10.08 18.70
N GLU A 324 -31.88 8.97 19.41
CA GLU A 324 -33.19 8.68 20.06
C GLU A 324 -33.47 9.72 21.16
N GLY A 325 -32.41 10.38 21.67
CA GLY A 325 -32.51 11.41 22.73
C GLY A 325 -32.50 12.84 22.20
N ASN A 326 -32.50 13.02 20.88
CA ASN A 326 -32.49 14.35 20.21
C ASN A 326 -31.30 15.18 20.70
N ARG A 327 -30.14 14.53 20.86
CA ARG A 327 -28.89 15.14 21.41
C ARG A 327 -27.92 15.49 20.28
N VAL A 328 -28.12 14.93 19.08
CA VAL A 328 -27.24 15.17 17.89
C VAL A 328 -27.68 16.47 17.22
N ARG A 329 -26.73 17.41 17.05
CA ARG A 329 -26.94 18.68 16.29
C ARG A 329 -26.45 18.48 14.85
N GLU A 330 -25.14 18.24 14.67
CA GLU A 330 -24.48 18.13 13.33
C GLU A 330 -23.42 17.03 13.35
N MET A 331 -23.27 16.34 12.22
CA MET A 331 -22.10 15.50 11.87
C MET A 331 -21.59 15.95 10.50
N PHE A 332 -20.28 16.18 10.35
CA PHE A 332 -19.64 16.60 9.09
C PHE A 332 -18.23 16.04 8.97
N GLY A 333 -17.76 15.87 7.74
CA GLY A 333 -16.37 15.48 7.41
C GLY A 333 -15.54 16.73 7.12
N SER A 334 -14.22 16.65 7.33
CA SER A 334 -13.27 17.75 7.06
C SER A 334 -12.00 17.21 6.38
N GLY A 335 -11.54 17.92 5.35
CA GLY A 335 -10.32 17.63 4.57
C GLY A 335 -10.06 18.73 3.56
N THR A 336 -8.89 18.73 2.92
CA THR A 336 -8.50 19.70 1.86
C THR A 336 -9.52 19.60 0.71
N ALA A 337 -10.06 18.40 0.48
CA ALA A 337 -11.09 18.08 -0.54
C ALA A 337 -12.30 19.02 -0.44
N CYS A 338 -13.00 18.98 0.70
CA CYS A 338 -14.35 19.59 0.88
C CYS A 338 -14.31 20.79 1.84
N VAL A 339 -13.37 20.78 2.79
CA VAL A 339 -13.22 21.75 3.91
C VAL A 339 -14.22 21.35 5.01
N VAL A 340 -15.52 21.41 4.72
CA VAL A 340 -16.61 20.98 5.65
C VAL A 340 -17.72 20.33 4.83
N CYS A 341 -17.94 19.03 5.00
CA CYS A 341 -18.96 18.21 4.29
C CYS A 341 -19.99 17.65 5.27
N PRO A 342 -21.18 18.27 5.39
CA PRO A 342 -22.25 17.75 6.24
C PRO A 342 -22.73 16.34 5.88
N VAL A 343 -23.09 15.55 6.89
CA VAL A 343 -23.65 14.17 6.77
C VAL A 343 -25.12 14.20 7.17
N SER A 344 -26.01 13.70 6.32
CA SER A 344 -27.48 13.63 6.54
C SER A 344 -27.89 12.22 6.99
N ASP A 345 -27.24 11.18 6.46
CA ASP A 345 -27.68 9.76 6.61
C ASP A 345 -26.47 8.84 6.72
N ILE A 346 -26.65 7.70 7.41
CA ILE A 346 -25.70 6.54 7.49
C ILE A 346 -26.50 5.26 7.25
N LEU A 347 -26.07 4.42 6.31
CA LEU A 347 -26.63 3.05 6.06
C LEU A 347 -25.81 2.04 6.88
N TYR A 348 -26.48 1.35 7.80
CA TYR A 348 -25.84 0.50 8.85
C TYR A 348 -26.81 -0.61 9.27
N LYS A 349 -26.38 -1.87 9.15
CA LYS A 349 -27.18 -3.08 9.47
C LYS A 349 -28.52 -3.02 8.71
N GLY A 350 -28.47 -2.67 7.42
CA GLY A 350 -29.60 -2.79 6.47
C GLY A 350 -30.72 -1.78 6.69
N GLU A 351 -30.51 -0.75 7.51
CA GLU A 351 -31.47 0.37 7.72
C GLU A 351 -30.75 1.70 7.53
N THR A 352 -31.47 2.74 7.08
CA THR A 352 -30.97 4.12 6.91
C THR A 352 -31.18 4.88 8.22
N ILE A 353 -30.11 5.47 8.78
CA ILE A 353 -30.12 6.22 10.07
C ILE A 353 -29.93 7.71 9.74
N HIS A 354 -30.95 8.53 10.00
CA HIS A 354 -30.93 9.98 9.70
C HIS A 354 -30.16 10.75 10.78
N ILE A 355 -29.29 11.66 10.35
CA ILE A 355 -28.54 12.64 11.19
C ILE A 355 -29.12 14.02 10.88
N PRO A 356 -29.62 14.77 11.89
CA PRO A 356 -30.35 16.02 11.64
C PRO A 356 -29.44 17.25 11.41
N THR A 357 -28.31 17.06 10.74
CA THR A 357 -27.28 18.10 10.48
C THR A 357 -27.91 19.31 9.80
N MET A 358 -28.58 19.10 8.67
CA MET A 358 -29.16 20.18 7.82
C MET A 358 -30.38 20.80 8.50
N GLU A 359 -31.03 20.10 9.44
CA GLU A 359 -32.16 20.62 10.26
C GLU A 359 -31.64 21.67 11.26
N ASN A 360 -30.38 21.54 11.70
CA ASN A 360 -29.79 22.41 12.75
C ASN A 360 -28.84 23.45 12.12
N GLY A 361 -29.17 23.93 10.91
CA GLY A 361 -28.46 25.03 10.24
C GLY A 361 -27.93 24.62 8.86
N PRO A 362 -26.78 23.92 8.75
CA PRO A 362 -25.98 23.51 9.91
C PRO A 362 -25.11 24.67 10.43
N LYS A 363 -25.40 25.11 11.66
CA LYS A 363 -24.94 26.40 12.26
C LYS A 363 -23.41 26.39 12.43
N LEU A 364 -22.85 25.33 13.05
CA LEU A 364 -21.40 25.22 13.36
C LEU A 364 -20.62 24.99 12.07
N ALA A 365 -21.07 24.02 11.25
CA ALA A 365 -20.46 23.67 9.94
C ALA A 365 -20.33 24.94 9.08
N SER A 366 -21.41 25.73 8.97
CA SER A 366 -21.47 27.01 8.21
C SER A 366 -20.40 27.97 8.73
N ARG A 367 -20.34 28.14 10.06
CA ARG A 367 -19.40 29.05 10.75
C ARG A 367 -17.95 28.65 10.40
N ILE A 368 -17.61 27.36 10.58
CA ILE A 368 -16.26 26.82 10.28
C ILE A 368 -15.93 27.09 8.81
N LEU A 369 -16.85 26.77 7.89
CA LEU A 369 -16.67 26.94 6.43
C LEU A 369 -16.32 28.40 6.14
N SER A 370 -17.10 29.33 6.69
CA SER A 370 -16.91 30.79 6.50
C SER A 370 -15.50 31.20 6.92
N LYS A 371 -15.08 30.79 8.12
CA LYS A 371 -13.79 31.20 8.75
C LYS A 371 -12.61 30.72 7.90
N LEU A 372 -12.57 29.42 7.56
CA LEU A 372 -11.45 28.81 6.78
C LEU A 372 -11.40 29.40 5.36
N THR A 373 -12.58 29.58 4.73
CA THR A 373 -12.71 30.11 3.34
C THR A 373 -12.25 31.58 3.33
N ASP A 374 -12.71 32.36 4.32
CA ASP A 374 -12.34 33.80 4.46
C ASP A 374 -10.82 33.89 4.58
N ILE A 375 -10.17 32.95 5.28
CA ILE A 375 -8.70 32.92 5.48
C ILE A 375 -8.01 32.51 4.17
N GLN A 376 -8.41 31.36 3.60
CA GLN A 376 -7.86 30.80 2.34
C GLN A 376 -7.83 31.86 1.24
N TYR A 377 -8.89 32.66 1.11
CA TYR A 377 -9.09 33.62 -0.01
C TYR A 377 -8.76 35.06 0.43
N GLY A 378 -8.13 35.22 1.60
CA GLY A 378 -7.62 36.51 2.12
C GLY A 378 -8.71 37.57 2.27
N ARG A 379 -9.91 37.17 2.72
CA ARG A 379 -11.00 38.09 3.14
C ARG A 379 -10.71 38.59 4.56
N GLU A 380 -9.93 37.81 5.33
CA GLU A 380 -9.25 38.27 6.57
C GLU A 380 -7.81 37.74 6.55
N GLU A 381 -6.93 38.31 7.38
CA GLU A 381 -5.52 37.87 7.53
C GLU A 381 -5.43 36.85 8.68
N ARG A 382 -4.41 35.98 8.63
CA ARG A 382 -4.05 35.04 9.73
C ARG A 382 -2.66 34.47 9.49
N ASP A 383 -2.07 33.89 10.54
CA ASP A 383 -0.74 33.22 10.53
C ASP A 383 -0.79 31.96 9.66
N TRP A 384 -1.99 31.44 9.37
CA TRP A 384 -2.22 30.14 8.68
C TRP A 384 -1.91 30.25 7.17
N THR A 385 -1.83 31.46 6.61
CA THR A 385 -1.58 31.72 5.17
C THR A 385 -0.21 32.35 4.96
N ILE A 386 0.41 32.05 3.82
CA ILE A 386 1.69 32.64 3.33
C ILE A 386 1.44 33.13 1.89
N VAL A 387 1.79 34.38 1.59
CA VAL A 387 1.62 34.99 0.23
C VAL A 387 2.78 34.50 -0.66
N LEU A 388 2.49 34.27 -1.95
CA LEU A 388 3.38 33.57 -2.92
C LEU A 388 4.54 34.50 -3.33
N SER A 389 5.76 33.97 -3.34
CA SER A 389 7.06 34.66 -3.54
C SER A 389 6.94 35.84 -4.52
N GLY B 26 -13.48 -8.04 -22.89
CA GLY B 26 -12.68 -8.78 -23.92
C GLY B 26 -11.24 -8.98 -23.48
N THR B 27 -10.94 -10.12 -22.87
CA THR B 27 -9.58 -10.53 -22.41
C THR B 27 -8.60 -10.51 -23.59
N PHE B 28 -7.32 -10.23 -23.31
CA PHE B 28 -6.18 -10.48 -24.24
C PHE B 28 -6.04 -11.99 -24.44
N LYS B 29 -5.62 -12.40 -25.64
CA LYS B 29 -5.37 -13.82 -26.02
C LYS B 29 -3.89 -14.02 -26.35
N ALA B 30 -3.34 -15.19 -26.00
CA ALA B 30 -1.94 -15.60 -26.26
C ALA B 30 -1.72 -15.77 -27.77
N LYS B 31 -2.75 -16.22 -28.50
CA LYS B 31 -2.78 -16.31 -29.99
C LYS B 31 -2.34 -14.98 -30.64
N ASP B 32 -2.64 -13.85 -29.97
CA ASP B 32 -2.42 -12.48 -30.52
C ASP B 32 -1.04 -11.96 -30.13
N LEU B 33 -0.20 -12.76 -29.45
CA LEU B 33 1.15 -12.33 -28.98
C LEU B 33 1.92 -11.68 -30.14
N ILE B 34 2.48 -10.51 -29.88
CA ILE B 34 3.42 -9.78 -30.77
C ILE B 34 4.80 -9.85 -30.11
N VAL B 35 5.74 -10.57 -30.72
CA VAL B 35 7.10 -10.84 -30.17
C VAL B 35 8.11 -9.95 -30.88
N THR B 36 8.78 -9.08 -30.13
CA THR B 36 9.90 -8.21 -30.60
C THR B 36 11.17 -8.68 -29.89
N PRO B 37 11.97 -9.58 -30.49
CA PRO B 37 13.16 -10.10 -29.82
C PRO B 37 14.22 -8.99 -29.65
N ALA B 38 15.07 -9.13 -28.63
CA ALA B 38 16.23 -8.23 -28.35
C ALA B 38 17.39 -8.67 -29.25
N THR B 39 18.10 -7.70 -29.83
CA THR B 39 19.19 -7.94 -30.82
C THR B 39 20.50 -8.22 -30.08
N ILE B 40 20.63 -7.74 -28.84
CA ILE B 40 21.82 -7.97 -27.96
C ILE B 40 21.33 -8.65 -26.68
N LEU B 41 21.92 -9.80 -26.35
CA LEU B 41 21.58 -10.62 -25.15
C LEU B 41 22.62 -10.38 -24.06
N LYS B 42 22.18 -10.26 -22.80
CA LYS B 42 23.04 -9.94 -21.63
C LYS B 42 23.76 -11.22 -21.18
N GLU B 43 24.90 -11.06 -20.49
CA GLU B 43 25.64 -12.18 -19.83
C GLU B 43 24.77 -12.78 -18.73
N LYS B 44 24.61 -14.11 -18.73
CA LYS B 44 23.93 -14.86 -17.64
C LYS B 44 24.79 -14.77 -16.39
N PRO B 45 24.20 -14.58 -15.19
CA PRO B 45 24.99 -14.41 -13.97
C PRO B 45 25.53 -15.75 -13.45
N ASP B 46 26.54 -15.71 -12.57
CA ASP B 46 27.05 -16.91 -11.87
C ASP B 46 25.95 -17.40 -10.93
N PRO B 47 25.45 -18.65 -11.06
CA PRO B 47 24.38 -19.16 -10.21
C PRO B 47 24.64 -19.04 -8.69
N ASN B 48 25.92 -18.99 -8.30
CA ASN B 48 26.37 -18.91 -6.88
C ASN B 48 26.30 -17.45 -6.40
N ASN B 49 26.84 -16.51 -7.18
CA ASN B 49 27.08 -15.09 -6.75
C ASN B 49 25.87 -14.22 -7.10
N LEU B 50 24.68 -14.63 -6.67
CA LEU B 50 23.39 -13.94 -6.95
C LEU B 50 22.85 -13.28 -5.67
N VAL B 51 22.48 -12.00 -5.75
CA VAL B 51 21.56 -11.30 -4.81
C VAL B 51 20.15 -11.40 -5.40
N PHE B 52 19.15 -11.78 -4.58
CA PHE B 52 17.76 -12.02 -5.04
C PHE B 52 17.21 -10.76 -5.73
N GLY B 53 16.60 -10.95 -6.91
CA GLY B 53 15.77 -9.95 -7.61
C GLY B 53 16.55 -8.75 -8.11
N THR B 54 17.87 -8.88 -8.25
CA THR B 54 18.80 -7.80 -8.68
C THR B 54 19.09 -7.93 -10.18
N VAL B 55 19.15 -9.17 -10.71
CA VAL B 55 19.45 -9.46 -12.13
C VAL B 55 18.14 -9.81 -12.84
N PHE B 56 17.94 -9.27 -14.05
CA PHE B 56 16.74 -9.49 -14.89
C PHE B 56 17.15 -10.09 -16.24
N THR B 57 16.21 -10.83 -16.86
CA THR B 57 16.41 -11.54 -18.15
C THR B 57 16.32 -10.54 -19.30
N ASP B 58 16.33 -11.03 -20.55
CA ASP B 58 16.40 -10.21 -21.79
C ASP B 58 15.02 -9.62 -22.10
N HIS B 59 13.94 -10.36 -21.82
CA HIS B 59 12.57 -10.03 -22.28
C HIS B 59 11.60 -9.86 -21.11
N MET B 60 10.55 -9.07 -21.33
CA MET B 60 9.40 -8.85 -20.42
C MET B 60 8.10 -9.03 -21.22
N LEU B 61 6.99 -9.34 -20.54
CA LEU B 61 5.62 -9.31 -21.12
C LEU B 61 4.94 -8.02 -20.68
N THR B 62 4.26 -7.31 -21.58
CA THR B 62 3.45 -6.11 -21.29
C THR B 62 2.10 -6.21 -22.02
N VAL B 63 1.02 -5.83 -21.34
CA VAL B 63 -0.35 -5.74 -21.94
C VAL B 63 -1.02 -4.48 -21.39
N GLU B 64 -1.32 -3.52 -22.27
CA GLU B 64 -2.06 -2.26 -21.97
C GLU B 64 -3.55 -2.55 -21.89
N TRP B 65 -4.27 -1.83 -21.02
CA TRP B 65 -5.75 -1.89 -20.89
C TRP B 65 -6.30 -0.48 -20.73
N SER B 66 -7.46 -0.23 -21.35
CA SER B 66 -8.27 1.00 -21.20
C SER B 66 -9.74 0.61 -21.05
N SER B 67 -10.51 1.43 -20.33
CA SER B 67 -11.99 1.34 -20.23
C SER B 67 -12.63 1.58 -21.60
N GLU B 68 -12.00 2.43 -22.42
CA GLU B 68 -12.52 2.88 -23.75
C GLU B 68 -12.41 1.74 -24.77
N PHE B 69 -11.30 1.00 -24.80
CA PHE B 69 -10.97 0.02 -25.88
C PHE B 69 -10.69 -1.39 -25.34
N GLY B 70 -10.67 -1.58 -24.01
CA GLY B 70 -10.41 -2.89 -23.38
C GLY B 70 -8.94 -3.26 -23.48
N TRP B 71 -8.65 -4.57 -23.49
CA TRP B 71 -7.27 -5.12 -23.53
C TRP B 71 -6.67 -4.93 -24.93
N GLU B 72 -5.44 -4.41 -25.00
CA GLU B 72 -4.59 -4.44 -26.22
C GLU B 72 -4.09 -5.86 -26.44
N LYS B 73 -3.39 -6.11 -27.54
CA LYS B 73 -2.69 -7.40 -27.79
C LYS B 73 -1.50 -7.47 -26.84
N PRO B 74 -1.15 -8.67 -26.31
CA PRO B 74 0.02 -8.81 -25.44
C PRO B 74 1.34 -8.77 -26.22
N HIS B 75 2.37 -8.17 -25.62
CA HIS B 75 3.71 -7.93 -26.22
C HIS B 75 4.79 -8.64 -25.40
N ILE B 76 5.61 -9.48 -26.04
CA ILE B 76 6.90 -9.95 -25.48
C ILE B 76 7.99 -9.12 -26.16
N LYS B 77 8.68 -8.26 -25.41
CA LYS B 77 9.67 -7.29 -25.97
C LYS B 77 10.85 -7.19 -25.02
N PRO B 78 11.97 -6.54 -25.42
CA PRO B 78 13.15 -6.42 -24.57
C PRO B 78 12.81 -5.67 -23.28
N LEU B 79 13.43 -6.08 -22.16
CA LEU B 79 13.35 -5.36 -20.87
C LEU B 79 13.68 -3.88 -21.12
N GLN B 80 12.81 -2.97 -20.66
CA GLN B 80 12.94 -1.51 -20.85
C GLN B 80 12.21 -0.81 -19.71
N ASN B 81 12.55 0.45 -19.46
CA ASN B 81 11.81 1.35 -18.52
C ASN B 81 10.37 1.48 -19.03
N LEU B 82 9.42 1.53 -18.11
CA LEU B 82 8.01 1.90 -18.40
C LEU B 82 7.93 3.44 -18.45
N SER B 83 7.21 3.98 -19.43
CA SER B 83 6.86 5.42 -19.52
C SER B 83 5.48 5.64 -18.89
N LEU B 84 5.45 6.17 -17.67
CA LEU B 84 4.21 6.36 -16.87
C LEU B 84 3.95 7.85 -16.66
N HIS B 85 2.69 8.29 -16.82
CA HIS B 85 2.20 9.61 -16.40
C HIS B 85 2.45 9.74 -14.90
N PRO B 86 3.01 10.87 -14.40
CA PRO B 86 3.35 10.98 -12.98
C PRO B 86 2.12 10.96 -12.06
N GLY B 87 0.92 11.03 -12.63
CA GLY B 87 -0.36 10.94 -11.92
C GLY B 87 -0.85 9.50 -11.76
N SER B 88 -0.15 8.53 -12.35
CA SER B 88 -0.54 7.09 -12.37
C SER B 88 -0.90 6.62 -10.96
N SER B 89 -2.10 6.06 -10.78
CA SER B 89 -2.69 5.73 -9.45
C SER B 89 -1.79 4.75 -8.69
N ALA B 90 -0.97 3.97 -9.39
CA ALA B 90 -0.02 3.00 -8.79
C ALA B 90 0.98 3.72 -7.89
N LEU B 91 1.38 4.95 -8.23
CA LEU B 91 2.43 5.73 -7.52
C LEU B 91 1.82 6.53 -6.36
N HIS B 92 0.50 6.70 -6.34
CA HIS B 92 -0.22 7.62 -5.42
C HIS B 92 -1.03 6.86 -4.37
N TYR B 93 -1.89 5.92 -4.81
CA TYR B 93 -2.84 5.18 -3.93
C TYR B 93 -2.59 3.68 -4.03
N ALA B 94 -1.35 3.29 -4.36
CA ALA B 94 -0.89 1.88 -4.38
C ALA B 94 -1.93 0.97 -5.05
N VAL B 95 -2.46 1.42 -6.19
CA VAL B 95 -3.36 0.60 -7.06
C VAL B 95 -2.47 -0.37 -7.83
N GLU B 96 -2.04 -1.43 -7.15
CA GLU B 96 -1.02 -2.39 -7.64
C GLU B 96 -1.17 -3.73 -6.91
N LEU B 97 -0.84 -4.82 -7.60
CA LEU B 97 -0.66 -6.17 -7.01
C LEU B 97 0.45 -6.88 -7.78
N PHE B 98 0.94 -7.99 -7.25
CA PHE B 98 2.01 -8.82 -7.86
C PHE B 98 1.78 -10.30 -7.53
N GLU B 99 2.56 -11.16 -8.17
CA GLU B 99 2.63 -12.60 -7.90
C GLU B 99 4.10 -13.02 -7.84
N GLY B 100 4.34 -14.21 -7.28
CA GLY B 100 5.66 -14.87 -7.16
C GLY B 100 5.53 -16.36 -7.36
N LEU B 101 5.96 -16.86 -8.52
CA LEU B 101 6.08 -18.32 -8.82
C LEU B 101 7.42 -18.54 -9.52
N LYS B 102 7.88 -19.79 -9.56
CA LYS B 102 9.26 -20.17 -10.01
C LYS B 102 9.18 -21.18 -11.15
N ALA B 103 10.18 -21.15 -12.03
CA ALA B 103 10.47 -22.17 -13.06
C ALA B 103 11.75 -22.90 -12.65
N PHE B 104 11.73 -24.23 -12.69
CA PHE B 104 12.85 -25.11 -12.24
C PHE B 104 13.32 -25.99 -13.40
N ARG B 105 14.61 -25.93 -13.73
CA ARG B 105 15.26 -26.87 -14.66
C ARG B 105 15.51 -28.19 -13.92
N GLY B 106 14.77 -29.23 -14.32
CA GLY B 106 14.85 -30.57 -13.70
C GLY B 106 16.12 -31.31 -14.04
N VAL B 107 16.38 -32.40 -13.31
CA VAL B 107 17.56 -33.30 -13.49
C VAL B 107 17.54 -33.94 -14.88
N ASP B 108 16.41 -33.88 -15.59
CA ASP B 108 16.23 -34.39 -16.98
C ASP B 108 16.26 -33.23 -17.98
N ASN B 109 16.56 -32.00 -17.51
CA ASN B 109 16.71 -30.79 -18.34
C ASN B 109 15.35 -30.32 -18.90
N LYS B 110 14.24 -30.83 -18.34
CA LYS B 110 12.86 -30.34 -18.62
C LYS B 110 12.54 -29.23 -17.61
N ILE B 111 12.14 -28.04 -18.11
CA ILE B 111 11.74 -26.88 -17.28
C ILE B 111 10.29 -27.10 -16.83
N ARG B 112 10.03 -26.95 -15.53
CA ARG B 112 8.70 -27.19 -14.91
C ARG B 112 8.26 -25.94 -14.15
N LEU B 113 7.00 -25.55 -14.32
CA LEU B 113 6.30 -24.62 -13.40
C LEU B 113 5.71 -25.47 -12.26
N PHE B 114 5.41 -24.83 -11.12
CA PHE B 114 4.96 -25.50 -9.88
C PHE B 114 3.66 -24.85 -9.39
N GLN B 115 2.54 -25.58 -9.49
CA GLN B 115 1.19 -25.11 -9.07
C GLN B 115 0.93 -23.72 -9.63
N PRO B 116 1.18 -23.45 -10.93
CA PRO B 116 1.04 -22.10 -11.48
C PRO B 116 -0.42 -21.63 -11.50
N ASN B 117 -1.36 -22.58 -11.60
CA ASN B 117 -2.82 -22.30 -11.67
C ASN B 117 -3.27 -21.61 -10.38
N LEU B 118 -2.68 -21.97 -9.23
CA LEU B 118 -2.99 -21.37 -7.90
C LEU B 118 -2.55 -19.90 -7.89
N ASN B 119 -1.36 -19.61 -8.46
CA ASN B 119 -0.78 -18.25 -8.58
C ASN B 119 -1.70 -17.39 -9.47
N MET B 120 -2.27 -17.97 -10.53
CA MET B 120 -3.19 -17.26 -11.46
C MET B 120 -4.53 -16.97 -10.76
N ASP B 121 -5.05 -17.94 -10.02
CA ASP B 121 -6.29 -17.79 -9.21
C ASP B 121 -6.10 -16.64 -8.22
N ARG B 122 -5.02 -16.71 -7.43
CA ARG B 122 -4.69 -15.74 -6.34
C ARG B 122 -4.57 -14.33 -6.94
N MET B 123 -4.01 -14.22 -8.15
CA MET B 123 -3.76 -12.92 -8.84
C MET B 123 -5.08 -12.33 -9.36
N TYR B 124 -5.96 -13.17 -9.90
CA TYR B 124 -7.31 -12.79 -10.40
C TYR B 124 -8.13 -12.23 -9.24
N ARG B 125 -8.17 -12.96 -8.12
CA ARG B 125 -8.91 -12.58 -6.88
C ARG B 125 -8.37 -11.24 -6.36
N SER B 126 -7.06 -11.02 -6.43
CA SER B 126 -6.37 -9.78 -5.98
C SER B 126 -6.76 -8.60 -6.87
N ALA B 127 -6.83 -8.81 -8.19
CA ALA B 127 -7.24 -7.79 -9.19
C ALA B 127 -8.66 -7.31 -8.90
N VAL B 128 -9.59 -8.26 -8.66
CA VAL B 128 -11.03 -7.97 -8.34
C VAL B 128 -11.07 -7.08 -7.09
N ARG B 129 -10.33 -7.47 -6.04
CA ARG B 129 -10.28 -6.77 -4.73
C ARG B 129 -9.61 -5.40 -4.89
N ALA B 130 -8.74 -5.24 -5.91
CA ALA B 130 -8.02 -3.99 -6.23
C ALA B 130 -8.82 -3.09 -7.17
N THR B 131 -9.90 -3.61 -7.76
CA THR B 131 -10.75 -2.97 -8.81
C THR B 131 -9.93 -2.75 -10.10
N LEU B 132 -8.88 -3.54 -10.32
CA LEU B 132 -8.16 -3.63 -11.62
C LEU B 132 -8.95 -4.56 -12.55
N PRO B 133 -8.86 -4.37 -13.89
CA PRO B 133 -9.70 -5.11 -14.82
C PRO B 133 -9.34 -6.61 -14.84
N VAL B 134 -10.35 -7.47 -14.96
CA VAL B 134 -10.20 -8.95 -14.93
C VAL B 134 -9.66 -9.42 -16.28
N PHE B 135 -9.02 -10.59 -16.30
CA PHE B 135 -8.35 -11.21 -17.47
C PHE B 135 -8.59 -12.72 -17.44
N ASP B 136 -8.43 -13.39 -18.59
CA ASP B 136 -8.51 -14.88 -18.68
C ASP B 136 -7.21 -15.45 -18.10
N LYS B 137 -7.31 -16.19 -16.99
CA LYS B 137 -6.16 -16.78 -16.25
C LYS B 137 -5.35 -17.70 -17.16
N GLU B 138 -6.03 -18.49 -18.03
CA GLU B 138 -5.37 -19.45 -18.94
C GLU B 138 -4.52 -18.71 -19.97
N GLU B 139 -5.01 -17.58 -20.48
CA GLU B 139 -4.32 -16.77 -21.53
C GLU B 139 -3.06 -16.13 -20.94
N LEU B 140 -3.13 -15.60 -19.73
CA LEU B 140 -1.95 -15.03 -19.01
C LEU B 140 -0.91 -16.14 -18.82
N LEU B 141 -1.31 -17.27 -18.24
CA LEU B 141 -0.41 -18.42 -17.96
C LEU B 141 0.32 -18.82 -19.25
N GLU B 142 -0.41 -18.91 -20.37
CA GLU B 142 0.14 -19.30 -21.69
C GLU B 142 1.13 -18.23 -22.17
N CYS B 143 0.77 -16.94 -22.06
CA CYS B 143 1.68 -15.79 -22.37
C CYS B 143 2.95 -15.90 -21.52
N ILE B 144 2.83 -16.22 -20.23
CA ILE B 144 3.97 -16.36 -19.28
C ILE B 144 4.87 -17.51 -19.77
N GLN B 145 4.29 -18.63 -20.17
CA GLN B 145 5.04 -19.82 -20.65
C GLN B 145 5.83 -19.46 -21.91
N GLN B 146 5.26 -18.64 -22.80
CA GLN B 146 5.93 -18.16 -24.04
C GLN B 146 7.17 -17.33 -23.67
N LEU B 147 7.04 -16.44 -22.68
CA LEU B 147 8.13 -15.54 -22.21
C LEU B 147 9.26 -16.40 -21.62
N VAL B 148 8.91 -17.33 -20.72
CA VAL B 148 9.86 -18.25 -20.05
C VAL B 148 10.57 -19.10 -21.11
N LYS B 149 9.84 -19.54 -22.14
CA LYS B 149 10.37 -20.39 -23.24
C LYS B 149 11.43 -19.61 -24.03
N LEU B 150 11.14 -18.36 -24.42
CA LEU B 150 12.05 -17.46 -25.17
C LEU B 150 13.34 -17.24 -24.37
N ASP B 151 13.23 -17.08 -23.04
CA ASP B 151 14.37 -16.77 -22.13
C ASP B 151 14.72 -18.01 -21.29
N GLN B 152 14.47 -19.21 -21.82
CA GLN B 152 14.57 -20.49 -21.04
C GLN B 152 15.99 -20.72 -20.54
N GLU B 153 17.00 -20.15 -21.20
CA GLU B 153 18.44 -20.32 -20.85
C GLU B 153 18.78 -19.50 -19.60
N TRP B 154 17.87 -18.64 -19.15
CA TRP B 154 17.99 -17.90 -17.86
C TRP B 154 17.64 -18.83 -16.70
N VAL B 155 16.79 -19.84 -16.94
CA VAL B 155 16.43 -20.88 -15.93
C VAL B 155 17.72 -21.60 -15.56
N PRO B 156 18.29 -21.36 -14.36
CA PRO B 156 19.66 -21.76 -14.05
C PRO B 156 19.92 -23.28 -14.16
N TYR B 157 21.13 -23.64 -14.62
CA TYR B 157 21.65 -25.03 -14.65
C TYR B 157 22.26 -25.33 -13.27
N SER B 158 21.39 -25.54 -12.29
CA SER B 158 21.73 -25.75 -10.85
C SER B 158 20.49 -26.28 -10.12
N THR B 159 20.65 -27.38 -9.38
CA THR B 159 19.56 -28.13 -8.71
C THR B 159 19.10 -27.40 -7.43
N SER B 160 19.70 -26.24 -7.10
CA SER B 160 19.36 -25.40 -5.92
C SER B 160 19.12 -23.93 -6.31
N ALA B 161 19.01 -23.64 -7.61
CA ALA B 161 18.66 -22.31 -8.17
C ALA B 161 17.37 -22.43 -8.99
N SER B 162 16.78 -21.31 -9.40
CA SER B 162 15.49 -21.26 -10.15
C SER B 162 15.34 -19.91 -10.86
N LEU B 163 14.27 -19.77 -11.66
CA LEU B 163 13.88 -18.48 -12.29
C LEU B 163 12.62 -17.95 -11.61
N TYR B 164 12.71 -16.78 -10.98
CA TYR B 164 11.57 -16.07 -10.36
C TYR B 164 10.74 -15.42 -11.47
N ILE B 165 9.44 -15.63 -11.44
CA ILE B 165 8.45 -15.03 -12.38
C ILE B 165 7.63 -14.02 -11.59
N ARG B 166 7.65 -12.75 -11.99
CA ARG B 166 7.01 -11.61 -11.27
C ARG B 166 5.94 -11.00 -12.18
N PRO B 167 4.72 -11.58 -12.20
CA PRO B 167 3.56 -10.90 -12.78
C PRO B 167 3.24 -9.68 -11.91
N THR B 168 3.10 -8.52 -12.53
CA THR B 168 2.85 -7.21 -11.86
C THR B 168 1.70 -6.51 -12.60
N PHE B 169 0.84 -5.80 -11.87
CA PHE B 169 -0.43 -5.25 -12.41
C PHE B 169 -0.68 -3.90 -11.72
N ILE B 170 -0.70 -2.81 -12.49
CA ILE B 170 -0.67 -1.41 -11.96
C ILE B 170 -1.71 -0.55 -12.68
N GLY B 171 -2.37 0.33 -11.92
CA GLY B 171 -3.25 1.38 -12.45
C GLY B 171 -2.41 2.52 -13.00
N THR B 172 -2.67 2.91 -14.26
CA THR B 172 -1.92 3.96 -14.99
C THR B 172 -2.89 5.10 -15.34
N GLU B 173 -4.03 5.16 -14.65
CA GLU B 173 -5.02 6.26 -14.70
C GLU B 173 -4.31 7.58 -14.42
N PRO B 174 -4.19 8.50 -15.39
CA PRO B 174 -3.50 9.78 -15.17
C PRO B 174 -4.42 10.78 -14.47
N SER B 175 -4.78 10.50 -13.21
CA SER B 175 -5.81 11.26 -12.43
C SER B 175 -5.58 11.03 -10.94
N LEU B 176 -5.69 12.10 -10.14
CA LEU B 176 -5.40 12.10 -8.67
C LEU B 176 -6.67 11.73 -7.89
N GLY B 177 -7.82 11.67 -8.56
CA GLY B 177 -9.06 11.11 -7.98
C GLY B 177 -8.81 9.71 -7.45
N VAL B 178 -9.28 9.42 -6.24
CA VAL B 178 -9.32 8.05 -5.66
C VAL B 178 -10.50 7.31 -6.30
N LYS B 179 -10.23 6.48 -7.30
CA LYS B 179 -11.29 5.85 -8.16
C LYS B 179 -10.77 4.54 -8.77
N LYS B 180 -11.71 3.73 -9.25
CA LYS B 180 -11.47 2.54 -10.11
C LYS B 180 -10.75 3.04 -11.36
N PRO B 181 -9.55 2.50 -11.70
CA PRO B 181 -8.77 3.02 -12.84
C PRO B 181 -9.40 2.69 -14.20
N THR B 182 -9.22 3.59 -15.18
CA THR B 182 -9.74 3.47 -16.58
C THR B 182 -8.58 3.23 -17.56
N LYS B 183 -7.34 3.19 -17.05
CA LYS B 183 -6.14 2.72 -17.78
C LYS B 183 -5.31 1.86 -16.81
N ALA B 184 -4.66 0.81 -17.31
CA ALA B 184 -3.82 -0.11 -16.49
C ALA B 184 -2.82 -0.84 -17.39
N LEU B 185 -1.77 -1.37 -16.77
CA LEU B 185 -0.70 -2.16 -17.43
C LEU B 185 -0.46 -3.43 -16.62
N LEU B 186 -0.52 -4.59 -17.27
CA LEU B 186 -0.12 -5.90 -16.71
C LEU B 186 1.19 -6.29 -17.40
N PHE B 187 2.27 -6.44 -16.63
CA PHE B 187 3.61 -6.83 -17.13
C PHE B 187 4.16 -7.98 -16.28
N VAL B 188 5.09 -8.76 -16.86
CA VAL B 188 5.75 -9.92 -16.21
C VAL B 188 7.26 -9.76 -16.36
N LEU B 189 8.00 -9.86 -15.24
CA LEU B 189 9.48 -9.85 -15.21
C LEU B 189 9.98 -11.26 -14.87
N LEU B 190 11.18 -11.59 -15.36
CA LEU B 190 11.91 -12.84 -15.00
C LEU B 190 13.23 -12.42 -14.36
N SER B 191 13.59 -13.07 -13.24
CA SER B 191 14.85 -12.82 -12.49
C SER B 191 15.40 -14.16 -12.03
N PRO B 192 16.64 -14.53 -12.41
CA PRO B 192 17.26 -15.77 -11.92
C PRO B 192 17.67 -15.58 -10.45
N VAL B 193 17.32 -16.54 -9.59
CA VAL B 193 17.61 -16.47 -8.13
C VAL B 193 18.37 -17.74 -7.72
N GLY B 194 19.47 -17.55 -6.98
CA GLY B 194 20.30 -18.64 -6.45
C GLY B 194 19.65 -19.23 -5.20
N PRO B 195 20.34 -20.15 -4.49
CA PRO B 195 19.81 -20.71 -3.23
C PRO B 195 19.70 -19.60 -2.18
N TYR B 196 18.68 -19.66 -1.32
CA TYR B 196 18.33 -18.56 -0.38
C TYR B 196 19.56 -18.21 0.48
N PHE B 197 20.31 -19.23 0.93
CA PHE B 197 21.61 -19.10 1.64
C PHE B 197 22.72 -19.78 0.83
N SER B 198 23.94 -19.24 0.94
CA SER B 198 25.15 -19.51 0.10
C SER B 198 25.19 -20.96 -0.40
N SER B 199 25.30 -21.93 0.52
CA SER B 199 25.51 -23.38 0.21
C SER B 199 24.22 -23.99 -0.35
N GLY B 200 23.08 -23.71 0.28
CA GLY B 200 21.74 -24.30 0.02
C GLY B 200 21.41 -25.40 1.04
N THR B 201 22.35 -25.68 1.96
CA THR B 201 22.21 -26.70 3.04
C THR B 201 21.14 -26.23 4.04
N PHE B 202 21.48 -25.30 4.94
CA PHE B 202 20.57 -24.67 5.94
C PHE B 202 21.37 -23.65 6.78
N ASN B 203 20.96 -22.37 6.76
CA ASN B 203 21.49 -21.32 7.66
C ASN B 203 20.32 -20.69 8.41
N PRO B 204 20.05 -21.10 9.66
CA PRO B 204 18.85 -20.65 10.38
C PRO B 204 18.76 -19.12 10.49
N VAL B 205 17.54 -18.60 10.54
CA VAL B 205 17.23 -17.14 10.62
C VAL B 205 16.89 -16.76 12.07
N SER B 206 17.23 -15.53 12.47
CA SER B 206 16.79 -14.87 13.73
C SER B 206 15.59 -13.96 13.43
N LEU B 207 14.56 -13.99 14.28
CA LEU B 207 13.31 -13.19 14.10
C LEU B 207 13.26 -12.07 15.15
N TRP B 208 12.80 -10.90 14.71
CA TRP B 208 12.48 -9.72 15.56
C TRP B 208 10.96 -9.68 15.80
N ALA B 209 10.54 -9.85 17.06
CA ALA B 209 9.12 -9.92 17.49
C ALA B 209 8.75 -8.68 18.32
N ASN B 210 8.21 -7.65 17.65
CA ASN B 210 7.69 -6.42 18.29
C ASN B 210 6.20 -6.31 17.96
N PRO B 211 5.30 -6.44 18.97
CA PRO B 211 3.86 -6.39 18.71
C PRO B 211 3.36 -5.00 18.30
N LYS B 212 4.20 -3.98 18.50
CA LYS B 212 3.99 -2.55 18.12
C LYS B 212 3.59 -2.45 16.64
N TYR B 213 4.14 -3.31 15.77
CA TYR B 213 3.86 -3.35 14.31
C TYR B 213 2.92 -4.51 13.99
N VAL B 214 2.01 -4.30 13.02
CA VAL B 214 1.01 -5.30 12.56
C VAL B 214 0.98 -5.30 11.02
N ARG B 215 1.21 -6.47 10.40
CA ARG B 215 1.30 -6.65 8.93
C ARG B 215 -0.08 -6.49 8.30
N ALA B 216 -1.09 -7.11 8.92
CA ALA B 216 -2.48 -7.18 8.41
C ALA B 216 -3.46 -7.46 9.56
N TRP B 217 -4.73 -7.12 9.34
CA TRP B 217 -5.82 -7.10 10.34
C TRP B 217 -7.06 -7.75 9.73
N LYS B 218 -8.04 -8.13 10.57
CA LYS B 218 -9.38 -8.59 10.13
C LYS B 218 -10.05 -7.47 9.33
N GLY B 219 -10.59 -7.81 8.16
CA GLY B 219 -11.26 -6.86 7.23
C GLY B 219 -10.26 -6.15 6.33
N GLY B 220 -8.99 -6.57 6.35
CA GLY B 220 -7.91 -5.99 5.53
C GLY B 220 -7.72 -6.75 4.23
N THR B 221 -6.55 -6.60 3.62
CA THR B 221 -6.12 -7.24 2.34
C THR B 221 -4.91 -8.13 2.61
N GLY B 222 -4.77 -8.63 3.84
CA GLY B 222 -3.62 -9.47 4.27
C GLY B 222 -3.54 -10.78 3.51
N ASP B 223 -4.68 -11.27 2.98
CA ASP B 223 -4.80 -12.58 2.29
C ASP B 223 -4.62 -12.40 0.77
N CYS B 224 -4.20 -11.20 0.33
CA CYS B 224 -3.87 -10.85 -1.08
C CYS B 224 -2.41 -10.38 -1.16
N LYS B 225 -1.78 -10.54 -2.33
CA LYS B 225 -0.42 -10.02 -2.62
C LYS B 225 -0.56 -8.64 -3.29
N MET B 226 -1.19 -7.68 -2.61
CA MET B 226 -1.32 -6.27 -3.06
C MET B 226 -0.19 -5.43 -2.42
N GLY B 227 0.40 -4.52 -3.18
CA GLY B 227 1.61 -3.75 -2.82
C GLY B 227 1.47 -3.02 -1.50
N GLY B 228 0.26 -2.57 -1.14
CA GLY B 228 -0.01 -1.84 0.12
C GLY B 228 0.43 -2.60 1.36
N ASN B 229 0.33 -3.93 1.34
CA ASN B 229 0.65 -4.84 2.47
C ASN B 229 2.15 -4.81 2.80
N TYR B 230 3.01 -4.39 1.86
CA TYR B 230 4.49 -4.53 1.93
C TYR B 230 5.16 -3.20 2.27
N GLY B 231 4.65 -2.08 1.75
CA GLY B 231 5.18 -0.73 2.01
C GLY B 231 5.30 -0.43 3.50
N SER B 232 4.33 -0.89 4.29
CA SER B 232 4.22 -0.62 5.75
C SER B 232 5.08 -1.58 6.57
N SER B 233 5.76 -2.54 5.93
CA SER B 233 6.57 -3.60 6.60
C SER B 233 8.05 -3.19 6.69
N LEU B 234 8.49 -2.24 5.87
CA LEU B 234 9.94 -1.92 5.64
C LEU B 234 10.58 -1.38 6.92
N PHE B 235 9.92 -0.44 7.60
CA PHE B 235 10.43 0.21 8.84
C PHE B 235 10.70 -0.87 9.90
N ALA B 236 9.83 -1.86 9.98
CA ALA B 236 9.91 -3.01 10.93
C ALA B 236 11.09 -3.91 10.56
N GLN B 237 11.27 -4.23 9.28
CA GLN B 237 12.39 -5.07 8.76
C GLN B 237 13.72 -4.35 9.02
N CYS B 238 13.76 -3.04 8.84
CA CYS B 238 14.94 -2.19 9.14
C CYS B 238 15.25 -2.26 10.65
N GLU B 239 14.23 -2.31 11.50
CA GLU B 239 14.36 -2.39 12.98
C GLU B 239 14.83 -3.79 13.38
N ALA B 240 14.49 -4.81 12.59
CA ALA B 240 14.96 -6.20 12.76
C ALA B 240 16.47 -6.26 12.49
N VAL B 241 16.92 -5.69 11.37
CA VAL B 241 18.35 -5.66 10.94
C VAL B 241 19.19 -4.88 11.96
N ASP B 242 18.63 -3.80 12.52
CA ASP B 242 19.27 -2.96 13.59
C ASP B 242 19.59 -3.83 14.81
N ASN B 243 18.69 -4.75 15.17
CA ASN B 243 18.83 -5.65 16.36
C ASN B 243 19.43 -7.00 15.93
N GLY B 244 20.03 -7.07 14.74
CA GLY B 244 20.83 -8.21 14.27
C GLY B 244 19.97 -9.43 13.94
N CYS B 245 18.75 -9.21 13.43
CA CYS B 245 17.81 -10.25 12.97
C CYS B 245 17.62 -10.13 11.45
N GLN B 246 17.30 -11.25 10.78
CA GLN B 246 17.19 -11.33 9.30
C GLN B 246 15.74 -11.05 8.88
N GLN B 247 14.77 -11.36 9.74
CA GLN B 247 13.32 -11.34 9.42
C GLN B 247 12.51 -10.80 10.60
N VAL B 248 11.27 -10.37 10.31
CA VAL B 248 10.25 -9.95 11.31
C VAL B 248 9.34 -11.14 11.61
N LEU B 249 9.09 -11.42 12.90
CA LEU B 249 7.95 -12.29 13.33
C LEU B 249 6.75 -11.38 13.59
N TRP B 250 5.71 -11.50 12.76
CA TRP B 250 4.50 -10.64 12.77
C TRP B 250 3.52 -11.11 13.85
N LEU B 251 3.27 -10.28 14.86
CA LEU B 251 2.39 -10.58 16.02
C LEU B 251 1.05 -9.83 15.88
N TYR B 252 -0.06 -10.53 16.11
CA TYR B 252 -1.44 -10.00 16.01
C TYR B 252 -2.21 -10.27 17.32
N GLY B 253 -3.02 -9.30 17.75
CA GLY B 253 -3.99 -9.47 18.85
C GLY B 253 -3.40 -9.20 20.22
N GLU B 254 -4.27 -9.16 21.23
CA GLU B 254 -3.95 -8.85 22.65
C GLU B 254 -3.02 -9.93 23.24
N ASP B 255 -3.13 -11.16 22.76
CA ASP B 255 -2.39 -12.34 23.31
C ASP B 255 -1.17 -12.68 22.42
N HIS B 256 -0.81 -11.78 21.50
CA HIS B 256 0.42 -11.87 20.66
C HIS B 256 0.48 -13.21 19.91
N GLN B 257 -0.42 -13.40 18.94
CA GLN B 257 -0.41 -14.57 18.03
C GLN B 257 0.77 -14.45 17.06
N ILE B 258 1.54 -15.51 16.88
CA ILE B 258 2.60 -15.60 15.82
C ILE B 258 1.89 -15.95 14.50
N THR B 259 1.96 -15.06 13.50
CA THR B 259 1.20 -15.14 12.23
C THR B 259 2.11 -15.60 11.08
N GLU B 260 3.13 -14.79 10.75
CA GLU B 260 3.99 -15.01 9.56
C GLU B 260 5.44 -14.67 9.89
N VAL B 261 6.38 -15.40 9.29
CA VAL B 261 7.85 -15.16 9.36
C VAL B 261 8.23 -14.34 8.13
N GLY B 262 8.33 -13.02 8.28
CA GLY B 262 8.55 -12.07 7.17
C GLY B 262 7.48 -12.21 6.10
N THR B 263 7.88 -12.61 4.89
CA THR B 263 7.01 -12.87 3.72
C THR B 263 6.93 -14.38 3.48
N MET B 264 6.89 -15.17 4.55
CA MET B 264 6.76 -16.66 4.54
C MET B 264 5.70 -17.08 5.57
N ASN B 265 5.01 -18.19 5.33
CA ASN B 265 4.05 -18.80 6.28
C ASN B 265 4.83 -19.46 7.41
N LEU B 266 4.25 -19.52 8.61
CA LEU B 266 4.92 -19.97 9.86
C LEU B 266 4.42 -21.38 10.22
N PHE B 267 5.36 -22.32 10.42
CA PHE B 267 5.11 -23.73 10.84
C PHE B 267 5.87 -24.00 12.15
N LEU B 268 5.18 -24.65 13.11
CA LEU B 268 5.74 -25.10 14.41
C LEU B 268 5.50 -26.59 14.57
N TYR B 269 6.57 -27.37 14.71
CA TYR B 269 6.57 -28.84 14.96
C TYR B 269 6.98 -29.09 16.41
N TRP B 270 6.08 -29.66 17.21
CA TRP B 270 6.20 -29.66 18.70
C TRP B 270 5.29 -30.73 19.32
N ILE B 271 5.47 -30.95 20.63
CA ILE B 271 4.50 -31.68 21.50
C ILE B 271 3.49 -30.66 22.00
N ASN B 272 2.22 -30.79 21.61
CA ASN B 272 1.15 -29.80 21.96
C ASN B 272 0.79 -29.94 23.44
N GLU B 273 -0.22 -29.20 23.90
CA GLU B 273 -0.63 -29.09 25.33
C GLU B 273 -1.21 -30.43 25.82
N ASP B 274 -1.67 -31.29 24.90
CA ASP B 274 -2.26 -32.62 25.20
C ASP B 274 -1.19 -33.73 25.10
N GLY B 275 0.09 -33.35 24.95
CA GLY B 275 1.23 -34.30 24.89
C GLY B 275 1.28 -35.06 23.57
N GLU B 276 0.72 -34.50 22.49
CA GLU B 276 0.63 -35.12 21.15
C GLU B 276 1.64 -34.45 20.20
N GLU B 277 2.39 -35.27 19.45
CA GLU B 277 3.27 -34.83 18.34
C GLU B 277 2.39 -34.13 17.30
N GLU B 278 2.69 -32.88 16.97
CA GLU B 278 1.79 -31.99 16.17
C GLU B 278 2.62 -31.08 15.24
N LEU B 279 2.16 -30.91 13.99
CA LEU B 279 2.60 -29.81 13.08
C LEU B 279 1.50 -28.74 13.09
N ALA B 280 1.84 -27.53 13.54
CA ALA B 280 0.88 -26.42 13.74
C ALA B 280 1.24 -25.23 12.83
N THR B 281 0.23 -24.56 12.27
CA THR B 281 0.36 -23.34 11.43
C THR B 281 -0.91 -22.50 11.61
N PRO B 282 -0.80 -21.15 11.67
CA PRO B 282 -1.98 -20.29 11.81
C PRO B 282 -3.05 -20.56 10.74
N PRO B 283 -4.35 -20.42 11.08
CA PRO B 283 -5.44 -20.63 10.11
C PRO B 283 -5.60 -19.46 9.13
N LEU B 284 -6.29 -19.71 8.02
CA LEU B 284 -6.62 -18.68 6.99
C LEU B 284 -7.85 -17.89 7.42
N ASP B 285 -7.68 -16.95 8.35
CA ASP B 285 -8.78 -16.12 8.92
C ASP B 285 -8.75 -14.72 8.30
N GLY B 286 -7.87 -14.46 7.33
CA GLY B 286 -7.84 -13.20 6.54
C GLY B 286 -6.61 -12.33 6.77
N ILE B 287 -5.76 -12.66 7.75
CA ILE B 287 -4.49 -11.92 8.07
C ILE B 287 -3.29 -12.77 7.61
N ILE B 288 -3.54 -13.93 7.01
CA ILE B 288 -2.50 -14.90 6.54
C ILE B 288 -2.58 -14.98 5.01
N LEU B 289 -1.44 -14.83 4.33
CA LEU B 289 -1.33 -15.05 2.87
C LEU B 289 -1.45 -16.55 2.63
N PRO B 290 -2.45 -17.03 1.85
CA PRO B 290 -2.56 -18.45 1.54
C PRO B 290 -1.43 -18.85 0.58
N GLY B 291 -0.24 -19.14 1.13
CA GLY B 291 0.95 -19.57 0.39
C GLY B 291 0.72 -20.90 -0.31
N VAL B 292 1.28 -21.06 -1.52
CA VAL B 292 1.28 -22.34 -2.30
C VAL B 292 2.05 -23.41 -1.49
N THR B 293 3.21 -23.02 -0.94
CA THR B 293 4.09 -23.89 -0.12
C THR B 293 3.31 -24.35 1.12
N ARG B 294 2.61 -23.42 1.78
CA ARG B 294 1.76 -23.69 2.97
C ARG B 294 0.78 -24.83 2.65
N ARG B 295 0.04 -24.71 1.54
CA ARG B 295 -0.96 -25.70 1.09
C ARG B 295 -0.29 -27.07 0.89
N CYS B 296 0.87 -27.08 0.24
CA CYS B 296 1.62 -28.32 -0.14
C CYS B 296 2.11 -29.04 1.12
N ILE B 297 2.68 -28.32 2.08
CA ILE B 297 3.24 -28.88 3.34
C ILE B 297 2.11 -29.53 4.16
N LEU B 298 0.94 -28.89 4.21
CA LEU B 298 -0.24 -29.43 4.94
C LEU B 298 -0.76 -30.70 4.24
N ASP B 299 -0.89 -30.65 2.91
CA ASP B 299 -1.30 -31.80 2.06
C ASP B 299 -0.36 -32.98 2.36
N LEU B 300 0.95 -32.75 2.29
CA LEU B 300 2.01 -33.76 2.53
C LEU B 300 1.88 -34.33 3.95
N ALA B 301 1.74 -33.46 4.95
CA ALA B 301 1.66 -33.82 6.39
C ALA B 301 0.44 -34.72 6.63
N HIS B 302 -0.73 -34.33 6.11
CA HIS B 302 -1.99 -35.12 6.20
C HIS B 302 -1.77 -36.50 5.58
N GLN B 303 -1.14 -36.53 4.40
CA GLN B 303 -0.84 -37.74 3.59
C GLN B 303 0.04 -38.70 4.40
N TRP B 304 1.13 -38.20 4.96
CA TRP B 304 2.14 -39.01 5.73
C TRP B 304 1.48 -39.65 6.96
N GLY B 305 0.54 -38.95 7.60
CA GLY B 305 -0.28 -39.43 8.72
C GLY B 305 0.56 -39.94 9.89
N GLU B 306 1.71 -39.31 10.16
CA GLU B 306 2.69 -39.73 11.20
C GLU B 306 2.53 -38.89 12.47
N PHE B 307 1.88 -37.74 12.37
CA PHE B 307 1.61 -36.81 13.51
C PHE B 307 0.37 -35.97 13.19
N LYS B 308 -0.17 -35.32 14.22
CA LYS B 308 -1.38 -34.47 14.12
C LYS B 308 -1.02 -33.22 13.31
N VAL B 309 -1.93 -32.79 12.42
CA VAL B 309 -1.83 -31.53 11.63
C VAL B 309 -2.95 -30.60 12.08
N SER B 310 -2.60 -29.42 12.61
CA SER B 310 -3.55 -28.45 13.21
C SER B 310 -3.34 -27.04 12.62
N GLU B 311 -4.29 -26.57 11.81
CA GLU B 311 -4.43 -25.13 11.46
C GLU B 311 -5.06 -24.46 12.69
N ARG B 312 -4.24 -23.85 13.54
CA ARG B 312 -4.66 -23.33 14.87
C ARG B 312 -3.85 -22.08 15.25
N TYR B 313 -4.36 -21.30 16.20
CA TYR B 313 -3.72 -20.07 16.73
C TYR B 313 -2.57 -20.47 17.67
N LEU B 314 -1.42 -19.81 17.48
CA LEU B 314 -0.19 -19.98 18.28
C LEU B 314 0.21 -18.61 18.84
N THR B 315 0.46 -18.52 20.16
CA THR B 315 0.88 -17.29 20.87
C THR B 315 2.33 -17.44 21.35
N MET B 316 2.98 -16.31 21.67
CA MET B 316 4.34 -16.29 22.26
C MET B 316 4.33 -17.04 23.60
N ASP B 317 3.21 -16.96 24.35
CA ASP B 317 3.01 -17.68 25.64
C ASP B 317 3.00 -19.19 25.39
N ASP B 318 2.28 -19.65 24.35
CA ASP B 318 2.25 -21.08 23.93
C ASP B 318 3.68 -21.55 23.66
N LEU B 319 4.46 -20.73 22.93
CA LEU B 319 5.85 -21.07 22.49
C LEU B 319 6.80 -21.13 23.69
N THR B 320 6.86 -20.06 24.50
CA THR B 320 7.76 -19.94 25.67
C THR B 320 7.43 -21.02 26.71
N THR B 321 6.14 -21.31 26.93
CA THR B 321 5.65 -22.37 27.85
C THR B 321 6.11 -23.73 27.34
N ALA B 322 6.01 -23.98 26.03
CA ALA B 322 6.44 -25.24 25.38
C ALA B 322 7.96 -25.38 25.43
N LEU B 323 8.69 -24.26 25.32
CA LEU B 323 10.18 -24.24 25.34
C LEU B 323 10.70 -24.64 26.73
N GLU B 324 10.12 -24.11 27.80
CA GLU B 324 10.51 -24.45 29.20
C GLU B 324 10.17 -25.92 29.48
N GLY B 325 9.27 -26.53 28.70
CA GLY B 325 8.85 -27.94 28.84
C GLY B 325 9.56 -28.87 27.87
N ASN B 326 10.53 -28.37 27.08
CA ASN B 326 11.32 -29.16 26.10
C ASN B 326 10.37 -29.86 25.11
N ARG B 327 9.31 -29.16 24.68
CA ARG B 327 8.22 -29.69 23.80
C ARG B 327 8.41 -29.21 22.36
N VAL B 328 9.25 -28.20 22.12
CA VAL B 328 9.51 -27.63 20.76
C VAL B 328 10.58 -28.47 20.06
N ARG B 329 10.27 -28.97 18.86
CA ARG B 329 11.23 -29.72 18.00
CA ARG B 329 11.22 -29.72 17.99
C ARG B 329 11.83 -28.74 16.97
N GLU B 330 10.98 -28.21 16.08
CA GLU B 330 11.40 -27.34 14.95
C GLU B 330 10.39 -26.21 14.74
N MET B 331 10.89 -25.03 14.33
CA MET B 331 10.09 -23.93 13.74
C MET B 331 10.75 -23.53 12.42
N PHE B 332 9.99 -23.37 11.33
CA PHE B 332 10.51 -22.94 10.01
C PHE B 332 9.45 -22.11 9.26
N GLY B 333 9.93 -21.25 8.35
CA GLY B 333 9.10 -20.50 7.40
C GLY B 333 9.01 -21.23 6.07
N SER B 334 7.94 -21.00 5.31
CA SER B 334 7.73 -21.59 3.97
C SER B 334 7.17 -20.53 3.01
N GLY B 335 7.70 -20.49 1.79
CA GLY B 335 7.27 -19.58 0.72
C GLY B 335 8.04 -19.87 -0.56
N THR B 336 7.67 -19.24 -1.67
CA THR B 336 8.40 -19.36 -2.97
C THR B 336 9.84 -18.88 -2.77
N ALA B 337 10.04 -17.89 -1.90
CA ALA B 337 11.34 -17.28 -1.53
C ALA B 337 12.31 -18.36 -1.06
N CYS B 338 11.96 -19.02 0.05
CA CYS B 338 12.71 -20.07 0.74
C CYS B 338 11.74 -21.22 1.01
N VAL B 339 11.76 -22.26 0.18
CA VAL B 339 10.85 -23.45 0.25
C VAL B 339 10.66 -23.84 1.72
N VAL B 340 11.76 -24.04 2.46
CA VAL B 340 11.75 -24.31 3.93
C VAL B 340 12.93 -23.56 4.57
N CYS B 341 12.65 -22.59 5.46
CA CYS B 341 13.65 -21.76 6.17
C CYS B 341 13.57 -22.00 7.67
N PRO B 342 14.48 -22.83 8.25
CA PRO B 342 14.53 -23.03 9.70
C PRO B 342 14.75 -21.76 10.52
N VAL B 343 14.13 -21.69 11.70
CA VAL B 343 14.26 -20.57 12.69
C VAL B 343 15.03 -21.09 13.91
N SER B 344 16.11 -20.40 14.29
CA SER B 344 16.96 -20.74 15.47
C SER B 344 16.60 -19.87 16.67
N ASP B 345 16.26 -18.60 16.47
CA ASP B 345 16.13 -17.60 17.57
C ASP B 345 14.97 -16.64 17.29
N ILE B 346 14.36 -16.10 18.36
CA ILE B 346 13.34 -15.01 18.34
C ILE B 346 13.73 -13.98 19.41
N LEU B 347 13.85 -12.70 19.03
CA LEU B 347 14.05 -11.57 19.99
C LEU B 347 12.68 -10.98 20.35
N TYR B 348 12.33 -11.01 21.64
CA TYR B 348 10.98 -10.68 22.16
C TYR B 348 11.10 -10.13 23.59
N LYS B 349 10.61 -8.90 23.80
CA LYS B 349 10.61 -8.20 25.11
C LYS B 349 12.04 -8.18 25.68
N GLY B 350 13.02 -7.85 24.83
CA GLY B 350 14.40 -7.52 25.25
C GLY B 350 15.28 -8.74 25.49
N GLU B 351 14.74 -9.96 25.44
CA GLU B 351 15.52 -11.21 25.64
C GLU B 351 15.53 -12.02 24.33
N THR B 352 16.60 -12.78 24.10
CA THR B 352 16.75 -13.73 22.97
C THR B 352 16.18 -15.09 23.40
N ILE B 353 15.24 -15.64 22.63
CA ILE B 353 14.59 -16.95 22.90
C ILE B 353 15.08 -17.94 21.84
N HIS B 354 15.85 -18.96 22.25
CA HIS B 354 16.40 -19.98 21.32
C HIS B 354 15.33 -21.03 21.01
N ILE B 355 15.21 -21.37 19.73
CA ILE B 355 14.35 -22.48 19.19
C ILE B 355 15.29 -23.59 18.74
N PRO B 356 15.15 -24.83 19.28
CA PRO B 356 16.16 -25.88 19.04
C PRO B 356 15.99 -26.63 17.71
N THR B 357 15.58 -25.91 16.65
CA THR B 357 15.27 -26.46 15.30
C THR B 357 16.46 -27.29 14.80
N MET B 358 17.64 -26.67 14.71
CA MET B 358 18.87 -27.27 14.12
C MET B 358 19.42 -28.39 15.02
N GLU B 359 19.08 -28.37 16.31
CA GLU B 359 19.47 -29.43 17.29
C GLU B 359 18.65 -30.71 17.02
N ASN B 360 17.45 -30.59 16.47
CA ASN B 360 16.53 -31.73 16.24
C ASN B 360 16.55 -32.13 14.75
N GLY B 361 17.70 -32.01 14.08
CA GLY B 361 17.92 -32.48 12.70
C GLY B 361 18.40 -31.36 11.76
N PRO B 362 17.51 -30.47 11.27
CA PRO B 362 16.07 -30.52 11.54
C PRO B 362 15.38 -31.58 10.67
N LYS B 363 14.85 -32.62 11.32
CA LYS B 363 14.40 -33.91 10.72
C LYS B 363 13.23 -33.66 9.76
N LEU B 364 12.17 -32.97 10.24
CA LEU B 364 10.93 -32.72 9.47
C LEU B 364 11.20 -31.70 8.35
N ALA B 365 11.84 -30.58 8.68
CA ALA B 365 12.22 -29.50 7.73
C ALA B 365 13.01 -30.12 6.56
N SER B 366 14.01 -30.95 6.84
CA SER B 366 14.87 -31.65 5.86
C SER B 366 14.00 -32.50 4.94
N ARG B 367 13.11 -33.30 5.53
CA ARG B 367 12.19 -34.23 4.82
C ARG B 367 11.31 -33.42 3.86
N ILE B 368 10.65 -32.38 4.35
CA ILE B 368 9.77 -31.50 3.54
C ILE B 368 10.59 -30.91 2.38
N LEU B 369 11.78 -30.37 2.68
CA LEU B 369 12.68 -29.74 1.67
C LEU B 369 12.96 -30.76 0.55
N SER B 370 13.34 -31.99 0.93
CA SER B 370 13.65 -33.09 -0.02
C SER B 370 12.44 -33.35 -0.93
N LYS B 371 11.25 -33.50 -0.35
CA LYS B 371 10.01 -33.91 -1.07
C LYS B 371 9.63 -32.82 -2.10
N LEU B 372 9.54 -31.55 -1.68
CA LEU B 372 9.18 -30.42 -2.58
C LEU B 372 10.24 -30.23 -3.66
N THR B 373 11.53 -30.32 -3.31
CA THR B 373 12.68 -30.14 -4.23
C THR B 373 12.69 -31.30 -5.24
N ASP B 374 12.47 -32.53 -4.79
CA ASP B 374 12.39 -33.74 -5.66
C ASP B 374 11.28 -33.52 -6.69
N ILE B 375 10.16 -32.90 -6.30
CA ILE B 375 9.00 -32.61 -7.20
C ILE B 375 9.37 -31.46 -8.15
N GLN B 376 9.81 -30.33 -7.60
CA GLN B 376 10.19 -29.09 -8.35
C GLN B 376 11.17 -29.44 -9.47
N TYR B 377 12.16 -30.31 -9.20
CA TYR B 377 13.28 -30.61 -10.11
C TYR B 377 13.07 -31.98 -10.80
N GLY B 378 11.85 -32.52 -10.73
CA GLY B 378 11.43 -33.73 -11.46
C GLY B 378 12.29 -34.96 -11.16
N ARG B 379 12.68 -35.15 -9.90
CA ARG B 379 13.31 -36.41 -9.39
C ARG B 379 12.20 -37.44 -9.12
N GLU B 380 10.97 -36.97 -8.89
CA GLU B 380 9.72 -37.77 -8.94
C GLU B 380 8.65 -36.97 -9.70
N GLU B 381 7.57 -37.64 -10.11
CA GLU B 381 6.43 -37.04 -10.85
C GLU B 381 5.36 -36.61 -9.83
N ARG B 382 4.49 -35.65 -10.20
CA ARG B 382 3.43 -35.09 -9.31
C ARG B 382 2.47 -34.25 -10.14
N ASP B 383 1.21 -34.15 -9.69
CA ASP B 383 0.15 -33.29 -10.28
C ASP B 383 0.52 -31.80 -10.13
N TRP B 384 1.43 -31.47 -9.21
CA TRP B 384 1.77 -30.09 -8.82
C TRP B 384 2.66 -29.40 -9.86
N THR B 385 3.27 -30.16 -10.77
CA THR B 385 4.19 -29.63 -11.81
C THR B 385 3.56 -29.75 -13.20
N ILE B 386 3.88 -28.80 -14.07
CA ILE B 386 3.53 -28.77 -15.53
C ILE B 386 4.84 -28.55 -16.29
N VAL B 387 5.12 -29.39 -17.29
CA VAL B 387 6.34 -29.29 -18.15
C VAL B 387 6.08 -28.18 -19.19
N LEU B 388 7.14 -27.41 -19.53
CA LEU B 388 7.03 -26.12 -20.26
C LEU B 388 6.76 -26.37 -21.75
N SER B 389 5.84 -25.58 -22.32
CA SER B 389 5.15 -25.74 -23.64
C SER B 389 6.13 -26.15 -24.75
N3 UTE C . -12.18 12.52 -3.42
C4 UTE C . -11.35 13.64 -3.29
C5 UTE C . -11.66 14.81 -3.97
C6 UTE C . -12.89 14.88 -4.88
C7 UTE C . -10.83 15.93 -3.84
C8 UTE C . -9.71 15.87 -3.01
C13 UTE C . -7.61 13.54 -1.25
C15 UTE C . -6.31 11.61 -1.91
C17 UTE C . -6.84 11.95 0.41
C20 UTE C . -10.23 13.58 -2.45
C21 UTE C . -13.29 12.38 -2.56
C24 UTE C . -13.85 10.28 -3.64
C19 UTE C . -7.06 13.20 -3.71
C14 UTE C . -6.99 12.78 -2.25
C16 UTE C . -6.24 11.19 -0.58
C18 UTE C . -7.51 13.12 0.08
O12 UTE C . -8.28 14.70 -1.52
C11 UTE C . -9.40 14.70 -2.32
C9 UTE C . -8.88 17.03 -2.88
N10 UTE C . -8.22 17.95 -2.78
C2 UTE C . -11.91 11.53 -4.38
O1 UTE C . -10.94 11.64 -5.13
C29 UTE C . -12.75 10.41 -4.48
C25 UTE C . -14.80 9.08 -3.71
F27 UTE C . -14.90 8.61 -4.97
F28 UTE C . -16.01 9.43 -3.29
F26 UTE C . -14.33 8.12 -2.92
N23 UTE C . -14.10 11.27 -2.68
O22 UTE C . -13.55 13.23 -1.71
N1 PLP D . -8.29 11.50 6.12
C2 PLP D . -7.43 10.84 5.34
C2A PLP D . -7.41 9.35 5.41
C3 PLP D . -6.58 11.54 4.47
O3 PLP D . -5.74 10.83 3.69
C4 PLP D . -6.63 12.95 4.43
C4A PLP D . -5.73 13.66 3.51
C5 PLP D . -7.53 13.61 5.28
C6 PLP D . -8.33 12.85 6.08
C5A PLP D . -7.68 15.11 5.29
O4P PLP D . -6.43 15.78 5.64
P PLP D . -6.21 17.34 5.28
O1P PLP D . -7.19 18.12 6.14
O2P PLP D . -6.52 17.46 3.79
O3P PLP D . -4.76 17.65 5.60
N3 UTE E . 12.99 -11.55 0.69
C4 UTE E . 12.70 -12.38 -0.40
C5 UTE E . 13.71 -13.14 -0.98
C6 UTE E . 15.16 -13.08 -0.46
C7 UTE E . 13.41 -13.98 -2.06
C8 UTE E . 12.11 -14.04 -2.54
C13 UTE E . 8.89 -12.52 -2.13
C15 UTE E . 7.96 -10.29 -2.14
C17 UTE E . 6.81 -12.07 -0.99
C20 UTE E . 11.40 -12.45 -0.87
C21 UTE E . 13.18 -12.11 1.96
C24 UTE E . 13.55 -9.88 2.86
C19 UTE E . 10.14 -10.68 -3.36
C14 UTE E . 8.96 -11.18 -2.53
C16 UTE E . 6.89 -10.74 -1.38
C18 UTE E . 7.81 -12.96 -1.37
O12 UTE E . 9.84 -13.41 -2.49
C11 UTE E . 11.10 -13.28 -1.95
C9 UTE E . 11.76 -14.89 -3.64
N10 UTE E . 11.48 -15.57 -4.52
C2 UTE E . 13.07 -10.16 0.52
O1 UTE E . 12.90 -9.67 -0.58
C29 UTE E . 13.35 -9.33 1.60
C25 UTE E . 13.87 -9.00 4.08
F27 UTE E . 15.00 -9.43 4.64
F28 UTE E . 12.85 -9.11 4.93
F26 UTE E . 14.02 -7.71 3.75
N23 UTE E . 13.46 -11.27 3.04
O22 UTE E . 13.11 -13.32 2.14
N1 PLP F . 3.61 -14.60 3.14
C2 PLP F . 3.48 -13.45 2.49
C2A PLP F . 3.07 -12.23 3.25
C3 PLP F . 3.73 -13.39 1.09
O3 PLP F . 3.59 -12.20 0.46
C4 PLP F . 4.10 -14.56 0.40
C4A PLP F . 4.35 -14.49 -1.04
C5 PLP F . 4.22 -15.74 1.14
C6 PLP F . 3.97 -15.72 2.48
C5A PLP F . 4.64 -17.04 0.49
O4P PLP F . 3.60 -17.56 -0.39
P PLP F . 3.96 -18.63 -1.55
O1P PLP F . 4.21 -19.94 -0.83
O2P PLP F . 5.20 -18.07 -2.22
O3P PLP F . 2.75 -18.68 -2.47
MG MG G . -10.14 -18.60 -22.81
#